data_4X8J
#
_entry.id   4X8J
#
_cell.length_a   149.080
_cell.length_b   149.080
_cell.length_c   116.774
_cell.angle_alpha   90.000
_cell.angle_beta   90.000
_cell.angle_gamma   90.000
#
_symmetry.space_group_name_H-M   'P 41 21 2'
#
loop_
_entity.id
_entity.type
_entity.pdbx_description
1 polymer '12F4 FAB Light chain'
2 polymer '12F4 FAB Heavy chain'
3 non-polymer 'ZINC ION'
4 non-polymer 'NONAETHYLENE GLYCOL'
5 water water
#
loop_
_entity_poly.entity_id
_entity_poly.type
_entity_poly.pdbx_seq_one_letter_code
_entity_poly.pdbx_strand_id
1 'polypeptide(L)'
;DIVMTQSQKFMSVTVGDRVSITCKTSQSVGTTIVWYQQKPGQSPKLLIYSASNRHTGVPDRFTGSGSGTDFILTINNVQS
EDLADYFCQQYTSYPFTFGSGTKLEIKRADAAPTVSIFPPSSEQLTSGGASVVCFLNNFYPKDINVKWKIDGSERQNGVL
NSWTDQDSKDSTYSMSSTLTLTKDEYERHNSYTCEATHKTSTSPIVKSFNRNEC
;
L,B
2 'polypeptide(L)'
;EVKLEESGGGLVQPGGSMKLSCTASGFTFSDAWMDWVRQSPEKGLEWVAEIRHKANDHAIFYDESVKGRFTISRDDSKNI
VYLQMNSLRPEDTGIYYCTSPFAYWGQGTLVTVSAAKTTAPSVYPLAPVCGGTTGSSVTLGCLVKGYFPEPVTLTWNSGS
LSSGVHTFPALLQSGLYTLSSSVTVTSNTWPSQTITCNVAHPASSTKVDKKIEPRDPI
;
H,A
#
loop_
_chem_comp.id
_chem_comp.type
_chem_comp.name
_chem_comp.formula
2PE non-polymer 'NONAETHYLENE GLYCOL' 'C18 H38 O10'
ZN non-polymer 'ZINC ION' 'Zn 2'
#
# COMPACT_ATOMS: atom_id res chain seq x y z
N ASP A 1 -31.52 -4.21 -8.31
CA ASP A 1 -31.23 -5.15 -9.43
C ASP A 1 -30.69 -6.47 -8.89
N ILE A 2 -30.88 -7.53 -9.66
CA ILE A 2 -30.40 -8.85 -9.29
C ILE A 2 -28.88 -8.91 -9.47
N VAL A 3 -28.20 -9.45 -8.48
CA VAL A 3 -26.75 -9.61 -8.52
C VAL A 3 -26.41 -11.03 -8.96
N MET A 4 -25.57 -11.14 -9.97
CA MET A 4 -25.11 -12.43 -10.50
C MET A 4 -23.65 -12.61 -10.10
N THR A 5 -23.37 -13.65 -9.32
CA THR A 5 -22.03 -13.87 -8.78
C THR A 5 -21.40 -15.15 -9.35
N GLN A 6 -20.25 -14.98 -9.99
CA GLN A 6 -19.40 -16.08 -10.35
C GLN A 6 -18.20 -16.03 -9.42
N SER A 7 -18.16 -16.96 -8.47
CA SER A 7 -17.16 -16.94 -7.40
C SER A 7 -15.74 -17.09 -7.94
N GLN A 8 -15.58 -17.90 -8.99
CA GLN A 8 -14.27 -18.14 -9.60
C GLN A 8 -13.97 -17.11 -10.68
N LYS A 9 -12.91 -16.35 -10.51
CA LYS A 9 -12.45 -15.41 -11.54
C LYS A 9 -11.53 -16.10 -12.52
N PHE A 10 -10.78 -17.09 -12.06
CA PHE A 10 -9.88 -17.87 -12.91
C PHE A 10 -9.99 -19.35 -12.59
N MET A 11 -9.99 -20.18 -13.63
CA MET A 11 -9.97 -21.64 -13.46
C MET A 11 -8.96 -22.24 -14.41
N SER A 12 -8.15 -23.14 -13.88
CA SER A 12 -7.14 -23.82 -14.66
C SER A 12 -7.69 -25.18 -15.05
N VAL A 13 -7.47 -25.53 -16.32
CA VAL A 13 -7.93 -26.81 -16.86
C VAL A 13 -6.81 -27.48 -17.66
N THR A 14 -6.93 -28.79 -17.81
CA THR A 14 -6.19 -29.56 -18.80
C THR A 14 -7.09 -29.99 -19.96
N VAL A 15 -6.54 -29.93 -21.17
CA VAL A 15 -7.26 -30.37 -22.35
C VAL A 15 -7.74 -31.80 -22.14
N GLY A 16 -9.02 -32.04 -22.42
CA GLY A 16 -9.62 -33.37 -22.23
C GLY A 16 -10.38 -33.54 -20.93
N ASP A 17 -10.19 -32.62 -19.98
CA ASP A 17 -10.87 -32.70 -18.69
C ASP A 17 -12.28 -32.12 -18.78
N ARG A 18 -13.04 -32.32 -17.71
CA ARG A 18 -14.35 -31.71 -17.53
C ARG A 18 -14.20 -30.53 -16.56
N VAL A 19 -14.87 -29.42 -16.86
CA VAL A 19 -14.84 -28.26 -15.95
C VAL A 19 -16.27 -27.75 -15.72
N SER A 20 -16.51 -27.27 -14.51
CA SER A 20 -17.81 -26.74 -14.11
C SER A 20 -17.66 -25.29 -13.63
N ILE A 21 -18.32 -24.36 -14.33
CA ILE A 21 -18.29 -22.95 -13.96
C ILE A 21 -19.61 -22.60 -13.28
N THR A 22 -19.52 -22.07 -12.06
CA THR A 22 -20.71 -21.78 -11.26
C THR A 22 -21.19 -20.34 -11.44
N CYS A 23 -22.49 -20.17 -11.31
CA CYS A 23 -23.13 -18.87 -11.31
C CYS A 23 -24.19 -18.90 -10.23
N LYS A 24 -24.27 -17.84 -9.43
CA LYS A 24 -25.30 -17.72 -8.40
C LYS A 24 -26.04 -16.39 -8.54
N THR A 25 -27.38 -16.48 -8.57
CA THR A 25 -28.24 -15.30 -8.62
C THR A 25 -28.70 -14.95 -7.21
N SER A 26 -28.86 -13.65 -6.94
CA SER A 26 -29.30 -13.18 -5.62
C SER A 26 -30.81 -13.33 -5.41
N GLN A 27 -31.53 -13.71 -6.46
CA GLN A 27 -32.98 -13.91 -6.39
C GLN A 27 -33.34 -15.15 -7.21
N SER A 28 -34.49 -15.74 -6.92
CA SER A 28 -34.99 -16.88 -7.67
C SER A 28 -35.38 -16.48 -9.09
N VAL A 29 -34.71 -17.06 -10.08
CA VAL A 29 -34.90 -16.68 -11.48
C VAL A 29 -35.33 -17.85 -12.37
N GLY A 30 -35.85 -18.91 -11.75
CA GLY A 30 -36.30 -20.09 -12.48
C GLY A 30 -35.18 -20.67 -13.31
N THR A 31 -35.37 -20.69 -14.63
CA THR A 31 -34.31 -21.09 -15.56
C THR A 31 -34.05 -20.02 -16.63
N THR A 32 -34.26 -18.75 -16.29
CA THR A 32 -34.01 -17.65 -17.21
C THR A 32 -32.53 -17.24 -17.17
N ILE A 33 -31.66 -18.12 -17.65
CA ILE A 33 -30.22 -17.88 -17.60
C ILE A 33 -29.59 -18.01 -18.97
N VAL A 34 -28.72 -17.06 -19.31
CA VAL A 34 -27.94 -17.10 -20.53
C VAL A 34 -26.47 -17.23 -20.18
N TRP A 35 -25.73 -17.99 -21.00
CA TRP A 35 -24.28 -18.09 -20.89
C TRP A 35 -23.62 -17.55 -22.15
N TYR A 36 -22.56 -16.77 -21.97
CA TYR A 36 -21.78 -16.23 -23.08
C TYR A 36 -20.33 -16.67 -23.02
N GLN A 37 -19.68 -16.73 -24.17
CA GLN A 37 -18.25 -16.95 -24.29
C GLN A 37 -17.66 -15.71 -24.94
N GLN A 38 -16.57 -15.18 -24.38
CA GLN A 38 -15.88 -14.03 -24.96
C GLN A 38 -14.39 -14.28 -25.12
N LYS A 39 -13.91 -14.18 -26.35
CA LYS A 39 -12.47 -14.22 -26.63
C LYS A 39 -11.94 -12.78 -26.63
N PRO A 40 -10.63 -12.60 -26.42
CA PRO A 40 -10.04 -11.26 -26.36
C PRO A 40 -10.26 -10.46 -27.65
N GLY A 41 -10.66 -9.20 -27.51
CA GLY A 41 -10.90 -8.32 -28.65
C GLY A 41 -12.20 -8.56 -29.41
N GLN A 42 -13.07 -9.39 -28.85
CA GLN A 42 -14.34 -9.71 -29.48
C GLN A 42 -15.50 -9.43 -28.53
N SER A 43 -16.69 -9.29 -29.10
CA SER A 43 -17.89 -9.16 -28.30
C SER A 43 -18.25 -10.53 -27.73
N PRO A 44 -19.04 -10.56 -26.64
CA PRO A 44 -19.52 -11.85 -26.15
C PRO A 44 -20.34 -12.59 -27.20
N LYS A 45 -20.29 -13.93 -27.14
CA LYS A 45 -20.99 -14.78 -28.09
C LYS A 45 -21.91 -15.73 -27.32
N LEU A 46 -23.16 -15.82 -27.77
CA LEU A 46 -24.18 -16.59 -27.05
C LEU A 46 -23.91 -18.09 -27.15
N LEU A 47 -23.95 -18.76 -26.00
CA LEU A 47 -23.78 -20.22 -25.93
C LEU A 47 -25.08 -20.95 -25.63
N ILE A 48 -25.75 -20.51 -24.56
CA ILE A 48 -26.91 -21.19 -24.02
C ILE A 48 -27.94 -20.17 -23.55
N TYR A 49 -29.22 -20.47 -23.75
CA TYR A 49 -30.29 -19.68 -23.16
C TYR A 49 -31.27 -20.59 -22.41
N SER A 50 -32.18 -19.99 -21.65
CA SER A 50 -33.10 -20.72 -20.78
C SER A 50 -32.37 -21.80 -19.95
N ALA A 51 -31.21 -21.42 -19.41
CA ALA A 51 -30.38 -22.26 -18.53
C ALA A 51 -29.72 -23.46 -19.20
N SER A 52 -30.45 -24.19 -20.05
CA SER A 52 -29.93 -25.43 -20.64
C SER A 52 -30.13 -25.59 -22.15
N ASN A 53 -30.74 -24.61 -22.83
CA ASN A 53 -30.99 -24.71 -24.26
C ASN A 53 -29.79 -24.18 -25.04
N ARG A 54 -29.10 -25.07 -25.75
CA ARG A 54 -27.88 -24.74 -26.46
C ARG A 54 -28.19 -23.98 -27.76
N HIS A 55 -27.50 -22.86 -27.97
CA HIS A 55 -27.67 -22.05 -29.18
C HIS A 55 -27.14 -22.80 -30.40
N THR A 56 -27.68 -22.48 -31.57
CA THR A 56 -27.29 -23.11 -32.83
C THR A 56 -25.80 -22.95 -33.12
N GLY A 57 -25.15 -24.05 -33.52
CA GLY A 57 -23.73 -24.04 -33.86
C GLY A 57 -22.78 -24.30 -32.70
N VAL A 58 -23.29 -24.31 -31.48
CA VAL A 58 -22.45 -24.52 -30.29
C VAL A 58 -22.25 -26.03 -30.08
N PRO A 59 -20.98 -26.47 -29.92
CA PRO A 59 -20.72 -27.90 -29.68
C PRO A 59 -21.47 -28.47 -28.48
N ASP A 60 -21.88 -29.73 -28.56
CA ASP A 60 -22.63 -30.38 -27.47
C ASP A 60 -21.80 -30.67 -26.22
N ARG A 61 -20.49 -30.39 -26.28
CA ARG A 61 -19.63 -30.44 -25.09
C ARG A 61 -20.03 -29.41 -24.03
N PHE A 62 -20.67 -28.32 -24.46
CA PHE A 62 -21.18 -27.29 -23.55
C PHE A 62 -22.57 -27.66 -23.05
N THR A 63 -22.71 -27.76 -21.73
CA THR A 63 -24.00 -28.09 -21.10
C THR A 63 -24.32 -27.10 -19.98
N GLY A 64 -25.52 -26.55 -20.01
CA GLY A 64 -26.00 -25.66 -18.95
C GLY A 64 -27.01 -26.38 -18.08
N SER A 65 -26.97 -26.13 -16.77
CA SER A 65 -27.90 -26.77 -15.85
C SER A 65 -28.19 -25.90 -14.62
N GLY A 66 -29.14 -26.36 -13.82
CA GLY A 66 -29.52 -25.69 -12.59
C GLY A 66 -30.86 -24.99 -12.71
N SER A 67 -31.43 -24.63 -11.57
CA SER A 67 -32.66 -23.87 -11.51
C SER A 67 -32.76 -23.19 -10.16
N GLY A 68 -33.45 -22.05 -10.13
CA GLY A 68 -33.59 -21.26 -8.90
C GLY A 68 -32.54 -20.18 -8.81
N THR A 69 -31.51 -20.43 -7.99
CA THR A 69 -30.44 -19.47 -7.79
C THR A 69 -29.06 -19.98 -8.21
N ASP A 70 -28.86 -21.30 -8.28
CA ASP A 70 -27.54 -21.88 -8.54
C ASP A 70 -27.49 -22.54 -9.90
N PHE A 71 -26.59 -22.07 -10.76
CA PHE A 71 -26.47 -22.57 -12.12
C PHE A 71 -25.04 -22.98 -12.43
N ILE A 72 -24.91 -23.88 -13.40
CA ILE A 72 -23.61 -24.41 -13.76
C ILE A 72 -23.48 -24.51 -15.28
N LEU A 73 -22.37 -24.01 -15.80
CA LEU A 73 -21.96 -24.28 -17.16
C LEU A 73 -20.87 -25.34 -17.11
N THR A 74 -21.16 -26.49 -17.72
CA THR A 74 -20.21 -27.59 -17.78
C THR A 74 -19.64 -27.69 -19.19
N ILE A 75 -18.33 -27.78 -19.28
CA ILE A 75 -17.64 -28.01 -20.54
C ILE A 75 -16.97 -29.36 -20.45
N ASN A 76 -17.47 -30.32 -21.21
CA ASN A 76 -16.88 -31.65 -21.26
C ASN A 76 -15.76 -31.69 -22.30
N ASN A 77 -14.75 -32.52 -22.03
CA ASN A 77 -13.65 -32.72 -22.97
C ASN A 77 -13.11 -31.39 -23.49
N VAL A 78 -12.67 -30.55 -22.55
CA VAL A 78 -12.28 -29.17 -22.86
C VAL A 78 -11.15 -29.15 -23.89
N GLN A 79 -11.26 -28.23 -24.85
CA GLN A 79 -10.29 -28.08 -25.94
C GLN A 79 -9.60 -26.72 -25.80
N SER A 80 -8.48 -26.55 -26.50
CA SER A 80 -7.69 -25.32 -26.42
C SER A 80 -8.50 -24.10 -26.87
N GLU A 81 -9.38 -24.30 -27.85
CA GLU A 81 -10.22 -23.20 -28.35
C GLU A 81 -11.33 -22.77 -27.38
N ASP A 82 -11.50 -23.51 -26.27
CA ASP A 82 -12.45 -23.13 -25.22
C ASP A 82 -11.87 -22.11 -24.24
N LEU A 83 -10.57 -21.81 -24.33
CA LEU A 83 -9.96 -20.78 -23.50
C LEU A 83 -10.61 -19.42 -23.83
N ALA A 84 -11.15 -18.78 -22.81
CA ALA A 84 -12.00 -17.59 -22.97
C ALA A 84 -12.56 -17.19 -21.63
N ASP A 85 -13.22 -16.04 -21.59
CA ASP A 85 -14.02 -15.64 -20.45
C ASP A 85 -15.45 -16.15 -20.65
N TYR A 86 -16.07 -16.61 -19.57
CA TYR A 86 -17.44 -17.08 -19.60
C TYR A 86 -18.29 -16.27 -18.63
N PHE A 87 -19.43 -15.78 -19.11
CA PHE A 87 -20.33 -14.94 -18.33
C PHE A 87 -21.73 -15.55 -18.27
N CYS A 88 -22.36 -15.55 -17.10
CA CYS A 88 -23.78 -15.86 -16.99
C CYS A 88 -24.59 -14.57 -17.02
N GLN A 89 -25.90 -14.71 -17.17
CA GLN A 89 -26.81 -13.57 -17.23
C GLN A 89 -28.22 -14.02 -16.90
N GLN A 90 -28.96 -13.19 -16.15
CA GLN A 90 -30.36 -13.45 -15.84
C GLN A 90 -31.27 -12.53 -16.65
N TYR A 91 -32.45 -13.02 -17.01
CA TYR A 91 -33.45 -12.17 -17.65
C TYR A 91 -34.84 -12.31 -17.04
N THR A 92 -34.89 -12.55 -15.73
CA THR A 92 -36.14 -12.51 -14.97
C THR A 92 -36.54 -11.06 -14.73
N SER A 93 -35.56 -10.18 -14.56
CA SER A 93 -35.80 -8.77 -14.24
C SER A 93 -34.79 -7.86 -14.94
N TYR A 94 -35.29 -6.86 -15.65
CA TYR A 94 -34.43 -5.86 -16.32
C TYR A 94 -33.98 -4.83 -15.28
N PRO A 95 -32.72 -4.39 -15.28
CA PRO A 95 -31.69 -4.76 -16.26
C PRO A 95 -31.24 -6.22 -16.17
N PHE A 96 -31.00 -6.84 -17.33
CA PHE A 96 -30.65 -8.25 -17.40
C PHE A 96 -29.17 -8.43 -17.04
N THR A 97 -28.89 -8.34 -15.75
CA THR A 97 -27.53 -8.24 -15.22
C THR A 97 -26.64 -9.42 -15.57
N PHE A 98 -25.36 -9.13 -15.83
CA PHE A 98 -24.34 -10.13 -16.15
C PHE A 98 -23.55 -10.54 -14.92
N GLY A 99 -23.05 -11.77 -14.93
CA GLY A 99 -22.09 -12.22 -13.91
C GLY A 99 -20.74 -11.55 -14.12
N SER A 100 -19.86 -11.67 -13.12
CA SER A 100 -18.56 -11.00 -13.14
C SER A 100 -17.52 -11.65 -14.06
N GLY A 101 -17.77 -12.89 -14.48
CA GLY A 101 -16.91 -13.56 -15.46
C GLY A 101 -15.93 -14.56 -14.87
N THR A 102 -15.66 -15.62 -15.63
CA THR A 102 -14.70 -16.65 -15.24
C THR A 102 -13.81 -16.96 -16.44
N LYS A 103 -12.51 -16.73 -16.31
CA LYS A 103 -11.56 -17.02 -17.38
C LYS A 103 -11.02 -18.44 -17.23
N LEU A 104 -11.03 -19.19 -18.33
CA LEU A 104 -10.38 -20.50 -18.34
C LEU A 104 -8.89 -20.36 -18.69
N GLU A 105 -8.06 -21.06 -17.93
CA GLU A 105 -6.59 -20.97 -18.01
C GLU A 105 -6.02 -22.38 -18.11
N ILE A 106 -4.73 -22.50 -18.38
CA ILE A 106 -4.07 -23.82 -18.48
C ILE A 106 -3.46 -24.19 -17.13
N LYS A 107 -3.67 -25.44 -16.73
CA LYS A 107 -3.06 -25.99 -15.54
C LYS A 107 -1.63 -26.42 -15.86
N ARG A 108 -0.73 -26.19 -14.91
CA ARG A 108 0.64 -26.69 -15.01
C ARG A 108 1.20 -26.97 -13.62
N ALA A 109 2.42 -27.50 -13.59
CA ALA A 109 3.12 -27.74 -12.32
C ALA A 109 3.42 -26.41 -11.63
N ASP A 110 3.48 -26.42 -10.30
CA ASP A 110 3.77 -25.20 -9.54
C ASP A 110 5.17 -24.68 -9.89
N ALA A 111 5.32 -23.36 -9.88
CA ALA A 111 6.60 -22.72 -10.18
C ALA A 111 6.74 -21.45 -9.36
N ALA A 112 7.89 -21.31 -8.69
CA ALA A 112 8.15 -20.16 -7.84
C ALA A 112 8.49 -18.93 -8.68
N PRO A 113 8.12 -17.74 -8.19
CA PRO A 113 8.44 -16.51 -8.91
C PRO A 113 9.91 -16.12 -8.77
N THR A 114 10.49 -15.64 -9.87
CA THR A 114 11.81 -15.06 -9.85
C THR A 114 11.66 -13.58 -9.52
N VAL A 115 12.13 -13.19 -8.34
CA VAL A 115 11.95 -11.83 -7.85
C VAL A 115 13.22 -11.00 -8.01
N SER A 116 13.05 -9.78 -8.51
CA SER A 116 14.16 -8.84 -8.63
C SER A 116 13.64 -7.44 -8.32
N ILE A 117 14.41 -6.68 -7.55
CA ILE A 117 14.01 -5.36 -7.11
C ILE A 117 14.90 -4.29 -7.75
N PHE A 118 14.32 -3.12 -8.00
CA PHE A 118 15.02 -2.06 -8.72
C PHE A 118 14.79 -0.71 -8.05
N PRO A 119 15.87 -0.11 -7.50
CA PRO A 119 15.74 1.25 -6.96
C PRO A 119 15.49 2.27 -8.06
N PRO A 120 15.10 3.50 -7.69
CA PRO A 120 14.93 4.56 -8.67
C PRO A 120 16.20 4.78 -9.50
N SER A 121 16.03 5.03 -10.79
CA SER A 121 17.16 5.33 -11.66
C SER A 121 17.71 6.72 -11.35
N SER A 122 19.00 6.91 -11.64
CA SER A 122 19.65 8.21 -11.46
C SER A 122 18.88 9.32 -12.16
N GLU A 123 18.49 9.04 -13.40
CA GLU A 123 17.78 10.05 -14.22
CA GLU A 123 17.78 10.03 -14.23
C GLU A 123 16.41 10.43 -13.66
N GLN A 124 15.71 9.48 -13.03
CA GLN A 124 14.42 9.80 -12.39
C GLN A 124 14.63 10.68 -11.17
N LEU A 125 15.65 10.36 -10.37
CA LEU A 125 15.97 11.16 -9.18
C LEU A 125 16.32 12.61 -9.54
N THR A 126 17.02 12.81 -10.66
CA THR A 126 17.33 14.16 -11.14
C THR A 126 16.06 14.92 -11.55
N SER A 127 15.09 14.22 -12.14
CA SER A 127 13.80 14.81 -12.54
C SER A 127 12.86 15.09 -11.36
N GLY A 128 13.19 14.59 -10.17
CA GLY A 128 12.44 14.89 -8.95
C GLY A 128 11.46 13.81 -8.50
N GLY A 129 11.53 12.64 -9.12
CA GLY A 129 10.66 11.51 -8.76
C GLY A 129 11.45 10.34 -8.17
N ALA A 130 10.72 9.34 -7.70
CA ALA A 130 11.33 8.14 -7.13
C ALA A 130 10.37 6.95 -7.12
N SER A 131 10.57 6.01 -8.04
CA SER A 131 9.75 4.81 -8.12
C SER A 131 10.61 3.58 -7.84
N VAL A 132 10.11 2.69 -6.98
CA VAL A 132 10.78 1.42 -6.70
C VAL A 132 9.98 0.31 -7.37
N VAL A 133 10.65 -0.46 -8.23
CA VAL A 133 9.99 -1.48 -9.03
C VAL A 133 10.41 -2.88 -8.60
N CYS A 134 9.43 -3.80 -8.60
CA CYS A 134 9.66 -5.18 -8.27
C CYS A 134 9.00 -6.07 -9.32
N PHE A 135 9.79 -6.90 -9.99
CA PHE A 135 9.26 -7.87 -10.94
C PHE A 135 9.18 -9.23 -10.28
N LEU A 136 8.07 -9.92 -10.50
CA LEU A 136 7.88 -11.29 -10.04
C LEU A 136 7.52 -12.11 -11.27
N ASN A 137 8.51 -12.81 -11.83
CA ASN A 137 8.34 -13.41 -13.16
C ASN A 137 8.21 -14.93 -13.16
N ASN A 138 7.39 -15.41 -14.09
CA ASN A 138 7.27 -16.83 -14.43
C ASN A 138 6.89 -17.74 -13.26
N PHE A 139 5.73 -17.47 -12.67
CA PHE A 139 5.23 -18.28 -11.56
C PHE A 139 3.86 -18.91 -11.87
N TYR A 140 3.58 -20.00 -11.16
CA TYR A 140 2.26 -20.64 -11.20
C TYR A 140 2.03 -21.32 -9.84
N PRO A 141 0.84 -21.21 -9.25
CA PRO A 141 -0.36 -20.62 -9.86
C PRO A 141 -0.46 -19.10 -9.77
N LYS A 142 -1.53 -18.57 -10.35
CA LYS A 142 -1.76 -17.14 -10.44
C LYS A 142 -1.79 -16.45 -9.08
N ASP A 143 -2.39 -17.10 -8.09
CA ASP A 143 -2.53 -16.52 -6.75
C ASP A 143 -1.18 -16.11 -6.16
N ILE A 144 -1.03 -14.82 -5.84
CA ILE A 144 0.20 -14.31 -5.23
C ILE A 144 -0.07 -13.00 -4.48
N ASN A 145 0.72 -12.76 -3.45
CA ASN A 145 0.61 -11.56 -2.63
C ASN A 145 1.95 -10.85 -2.50
N VAL A 146 1.96 -9.54 -2.76
CA VAL A 146 3.18 -8.72 -2.66
C VAL A 146 3.02 -7.68 -1.56
N LYS A 147 4.01 -7.62 -0.67
CA LYS A 147 4.05 -6.63 0.39
C LYS A 147 5.28 -5.74 0.24
N TRP A 148 5.08 -4.43 0.35
CA TRP A 148 6.17 -3.47 0.39
C TRP A 148 6.41 -3.04 1.82
N LYS A 149 7.68 -3.00 2.23
CA LYS A 149 8.05 -2.49 3.54
C LYS A 149 9.13 -1.41 3.43
N ILE A 150 9.01 -0.40 4.27
CA ILE A 150 10.00 0.67 4.34
C ILE A 150 10.45 0.79 5.79
N ASP A 151 11.73 0.49 6.04
CA ASP A 151 12.28 0.43 7.39
C ASP A 151 11.42 -0.43 8.33
N GLY A 152 10.99 -1.58 7.82
CA GLY A 152 10.26 -2.57 8.61
C GLY A 152 8.74 -2.42 8.67
N SER A 153 8.21 -1.27 8.25
CA SER A 153 6.77 -1.02 8.32
C SER A 153 6.14 -1.20 6.95
N GLU A 154 4.99 -1.86 6.91
CA GLU A 154 4.27 -2.11 5.66
C GLU A 154 3.79 -0.81 5.05
N ARG A 155 3.83 -0.75 3.72
CA ARG A 155 3.45 0.44 2.95
C ARG A 155 2.40 0.03 1.93
N GLN A 156 1.21 0.62 2.02
CA GLN A 156 0.08 0.20 1.20
C GLN A 156 -0.27 1.17 0.07
N ASN A 157 -0.32 2.46 0.38
CA ASN A 157 -0.64 3.45 -0.66
C ASN A 157 0.55 3.71 -1.61
N GLY A 158 0.22 4.02 -2.87
CA GLY A 158 1.22 4.28 -3.89
C GLY A 158 1.71 3.02 -4.60
N VAL A 159 0.98 1.91 -4.43
CA VAL A 159 1.38 0.62 -4.97
C VAL A 159 0.45 0.21 -6.12
N LEU A 160 1.03 -0.12 -7.26
CA LEU A 160 0.28 -0.58 -8.43
C LEU A 160 0.84 -1.92 -8.90
N ASN A 161 -0.04 -2.92 -8.98
CA ASN A 161 0.34 -4.27 -9.39
C ASN A 161 -0.28 -4.60 -10.74
N SER A 162 0.57 -4.96 -11.70
CA SER A 162 0.14 -5.24 -13.07
C SER A 162 0.51 -6.67 -13.47
N TRP A 163 -0.50 -7.47 -13.80
CA TRP A 163 -0.29 -8.85 -14.20
C TRP A 163 -0.22 -8.98 -15.71
N THR A 164 0.63 -9.89 -16.20
CA THR A 164 0.55 -10.30 -17.60
C THR A 164 -0.52 -11.36 -17.75
N ASP A 165 -0.99 -11.56 -18.99
CA ASP A 165 -1.84 -12.70 -19.32
C ASP A 165 -0.98 -13.95 -19.22
N GLN A 166 -1.61 -15.11 -19.08
CA GLN A 166 -0.85 -16.37 -19.01
C GLN A 166 -0.02 -16.54 -20.28
N ASP A 167 1.20 -17.04 -20.13
CA ASP A 167 2.11 -17.20 -21.26
C ASP A 167 1.69 -18.38 -22.13
N SER A 168 1.70 -18.18 -23.45
CA SER A 168 1.25 -19.21 -24.39
C SER A 168 2.20 -20.39 -24.50
N LYS A 169 3.47 -20.17 -24.16
CA LYS A 169 4.49 -21.22 -24.24
C LYS A 169 4.55 -22.05 -22.94
N ASP A 170 4.91 -21.41 -21.84
CA ASP A 170 5.15 -22.12 -20.57
C ASP A 170 4.00 -22.06 -19.56
N SER A 171 2.92 -21.36 -19.91
CA SER A 171 1.71 -21.27 -19.08
C SER A 171 1.91 -20.62 -17.70
N THR A 172 2.93 -19.78 -17.57
CA THR A 172 3.19 -19.09 -16.30
C THR A 172 2.62 -17.68 -16.31
N TYR A 173 2.61 -17.06 -15.13
CA TYR A 173 2.22 -15.66 -14.97
C TYR A 173 3.42 -14.84 -14.51
N SER A 174 3.40 -13.55 -14.83
CA SER A 174 4.37 -12.60 -14.31
C SER A 174 3.65 -11.38 -13.79
N MET A 175 4.26 -10.72 -12.81
CA MET A 175 3.64 -9.57 -12.15
C MET A 175 4.66 -8.46 -11.92
N SER A 176 4.21 -7.23 -12.07
CA SER A 176 5.01 -6.04 -11.81
C SER A 176 4.38 -5.25 -10.67
N SER A 177 5.18 -4.96 -9.62
CA SER A 177 4.72 -4.16 -8.50
C SER A 177 5.57 -2.90 -8.40
N THR A 178 4.92 -1.74 -8.43
CA THR A 178 5.62 -0.45 -8.44
C THR A 178 5.20 0.40 -7.25
N LEU A 179 6.17 0.76 -6.42
CA LEU A 179 5.94 1.68 -5.30
C LEU A 179 6.38 3.07 -5.73
N THR A 180 5.42 3.98 -5.85
CA THR A 180 5.69 5.36 -6.24
C THR A 180 5.84 6.22 -4.99
N LEU A 181 6.95 6.93 -4.91
CA LEU A 181 7.24 7.82 -3.79
C LEU A 181 7.66 9.18 -4.31
N THR A 182 7.63 10.18 -3.44
CA THR A 182 8.28 11.46 -3.72
C THR A 182 9.77 11.30 -3.46
N LYS A 183 10.58 12.15 -4.08
CA LYS A 183 12.03 12.10 -3.92
C LYS A 183 12.45 12.30 -2.46
N ASP A 184 11.87 13.31 -1.82
CA ASP A 184 12.19 13.61 -0.42
C ASP A 184 11.84 12.46 0.53
N GLU A 185 10.79 11.72 0.19
CA GLU A 185 10.42 10.53 0.96
C GLU A 185 11.41 9.38 0.75
N TYR A 186 11.76 9.14 -0.52
CA TYR A 186 12.73 8.09 -0.83
C TYR A 186 14.07 8.36 -0.16
N GLU A 187 14.52 9.60 -0.18
CA GLU A 187 15.82 9.98 0.37
C GLU A 187 15.86 10.05 1.92
N ARG A 188 14.71 10.04 2.58
CA ARG A 188 14.69 10.00 4.05
C ARG A 188 14.86 8.59 4.60
N HIS A 189 14.08 7.64 4.09
CA HIS A 189 14.10 6.27 4.60
C HIS A 189 15.28 5.49 4.02
N ASN A 190 15.63 4.37 4.67
CA ASN A 190 16.82 3.61 4.34
C ASN A 190 16.54 2.28 3.62
N SER A 191 15.78 1.39 4.27
CA SER A 191 15.55 0.04 3.74
C SER A 191 14.26 -0.06 2.92
N TYR A 192 14.34 -0.72 1.77
CA TYR A 192 13.19 -0.93 0.90
C TYR A 192 13.10 -2.40 0.52
N THR A 193 11.93 -2.99 0.77
CA THR A 193 11.76 -4.44 0.68
C THR A 193 10.54 -4.84 -0.14
N CYS A 194 10.71 -5.88 -0.94
CA CYS A 194 9.63 -6.47 -1.73
C CYS A 194 9.44 -7.91 -1.26
N GLU A 195 8.31 -8.19 -0.61
CA GLU A 195 8.04 -9.54 -0.08
C GLU A 195 6.93 -10.24 -0.86
N ALA A 196 7.23 -11.41 -1.43
CA ALA A 196 6.28 -12.18 -2.21
C ALA A 196 5.84 -13.43 -1.46
N THR A 197 4.53 -13.59 -1.28
CA THR A 197 3.97 -14.79 -0.66
C THR A 197 3.28 -15.62 -1.74
N HIS A 198 3.68 -16.89 -1.84
CA HIS A 198 3.23 -17.79 -2.90
C HIS A 198 3.16 -19.21 -2.33
N LYS A 199 2.31 -20.07 -2.91
CA LYS A 199 2.11 -21.42 -2.35
C LYS A 199 3.31 -22.35 -2.50
N THR A 200 4.27 -21.98 -3.35
CA THR A 200 5.50 -22.76 -3.56
C THR A 200 6.49 -22.69 -2.40
N SER A 201 6.27 -21.79 -1.44
CA SER A 201 7.13 -21.69 -0.26
C SER A 201 6.34 -21.31 0.99
N THR A 202 6.71 -21.90 2.12
CA THR A 202 6.13 -21.55 3.42
C THR A 202 6.58 -20.15 3.81
N SER A 203 7.86 -19.88 3.56
CA SER A 203 8.44 -18.56 3.82
C SER A 203 8.24 -17.65 2.61
N PRO A 204 8.02 -16.34 2.85
CA PRO A 204 7.92 -15.41 1.73
C PRO A 204 9.29 -15.12 1.10
N ILE A 205 9.31 -14.92 -0.22
CA ILE A 205 10.52 -14.54 -0.92
C ILE A 205 10.77 -13.05 -0.73
N VAL A 206 11.96 -12.72 -0.23
CA VAL A 206 12.28 -11.34 0.17
C VAL A 206 13.44 -10.80 -0.67
N LYS A 207 13.19 -9.68 -1.33
CA LYS A 207 14.24 -8.95 -2.03
C LYS A 207 14.24 -7.51 -1.55
N SER A 208 15.41 -7.02 -1.15
CA SER A 208 15.52 -5.70 -0.58
C SER A 208 16.86 -5.04 -0.90
N PHE A 209 16.93 -3.74 -0.63
CA PHE A 209 18.17 -2.98 -0.76
C PHE A 209 18.15 -1.82 0.22
N ASN A 210 19.33 -1.28 0.49
CA ASN A 210 19.47 -0.07 1.26
C ASN A 210 19.91 1.05 0.34
N ARG A 211 19.27 2.21 0.48
CA ARG A 211 19.49 3.34 -0.43
C ARG A 211 20.96 3.78 -0.52
N ASN A 212 21.63 3.86 0.62
CA ASN A 212 23.02 4.36 0.65
C ASN A 212 24.10 3.31 0.31
N GLU A 213 23.70 2.06 0.11
CA GLU A 213 24.65 0.97 -0.12
C GLU A 213 24.92 0.69 -1.59
N CYS A 214 26.00 -0.04 -1.84
CA CYS A 214 26.29 -0.58 -3.16
C CYS A 214 27.16 -1.84 -3.06
N GLU B 1 -28.19 -11.84 -43.31
CA GLU B 1 -27.44 -11.85 -42.02
C GLU B 1 -27.60 -10.52 -41.27
N VAL B 2 -27.52 -10.58 -39.95
CA VAL B 2 -27.61 -9.40 -39.11
C VAL B 2 -26.24 -8.74 -38.99
N LYS B 3 -26.20 -7.43 -39.20
CA LYS B 3 -24.99 -6.63 -39.00
C LYS B 3 -25.31 -5.43 -38.12
N LEU B 4 -24.55 -5.25 -37.04
CA LEU B 4 -24.61 -4.06 -36.21
C LEU B 4 -23.22 -3.42 -36.19
N GLU B 5 -23.15 -2.11 -36.39
CA GLU B 5 -21.86 -1.42 -36.43
C GLU B 5 -21.90 -0.06 -35.73
N GLU B 6 -21.11 0.07 -34.66
CA GLU B 6 -21.06 1.30 -33.89
C GLU B 6 -20.14 2.33 -34.55
N SER B 7 -20.30 3.58 -34.12
CA SER B 7 -19.40 4.67 -34.52
C SER B 7 -19.59 5.84 -33.56
N GLY B 8 -18.65 6.80 -33.62
CA GLY B 8 -18.74 8.01 -32.81
C GLY B 8 -17.96 8.00 -31.50
N GLY B 9 -17.16 6.95 -31.28
CA GLY B 9 -16.32 6.88 -30.08
C GLY B 9 -15.09 7.76 -30.17
N GLY B 10 -14.22 7.66 -29.17
CA GLY B 10 -12.97 8.42 -29.14
C GLY B 10 -12.72 9.11 -27.81
N LEU B 11 -11.92 10.17 -27.84
CA LEU B 11 -11.56 10.93 -26.64
C LEU B 11 -12.59 12.02 -26.35
N VAL B 12 -12.85 12.23 -25.06
CA VAL B 12 -13.73 13.32 -24.62
C VAL B 12 -13.35 13.72 -23.18
N GLN B 13 -13.46 15.02 -22.88
CA GLN B 13 -13.07 15.52 -21.56
C GLN B 13 -14.15 15.32 -20.51
N PRO B 14 -13.76 15.23 -19.22
CA PRO B 14 -14.70 15.16 -18.11
C PRO B 14 -15.74 16.28 -18.14
N GLY B 15 -16.99 15.92 -17.89
CA GLY B 15 -18.11 16.86 -17.99
C GLY B 15 -18.59 17.09 -19.42
N GLY B 16 -17.94 16.46 -20.40
CA GLY B 16 -18.28 16.63 -21.80
C GLY B 16 -19.33 15.65 -22.27
N SER B 17 -19.74 15.80 -23.53
CA SER B 17 -20.78 14.96 -24.11
C SER B 17 -20.26 14.19 -25.32
N MET B 18 -20.95 13.10 -25.65
CA MET B 18 -20.62 12.29 -26.81
C MET B 18 -21.85 11.47 -27.22
N LYS B 19 -22.09 11.39 -28.52
CA LYS B 19 -23.23 10.65 -29.06
C LYS B 19 -22.73 9.51 -29.92
N LEU B 20 -23.05 8.28 -29.52
CA LEU B 20 -22.71 7.10 -30.29
C LEU B 20 -23.84 6.72 -31.23
N SER B 21 -23.49 6.16 -32.39
CA SER B 21 -24.46 5.67 -33.37
C SER B 21 -24.23 4.20 -33.58
N CYS B 22 -25.27 3.50 -34.01
CA CYS B 22 -25.16 2.11 -34.39
C CYS B 22 -26.11 1.81 -35.54
N THR B 23 -25.54 1.51 -36.69
CA THR B 23 -26.30 1.22 -37.90
C THR B 23 -26.57 -0.28 -37.95
N ALA B 24 -27.79 -0.64 -38.32
CA ALA B 24 -28.24 -2.03 -38.28
C ALA B 24 -28.79 -2.47 -39.63
N SER B 25 -28.63 -3.75 -39.93
CA SER B 25 -29.14 -4.32 -41.18
C SER B 25 -29.43 -5.81 -40.99
N GLY B 26 -30.33 -6.32 -41.82
CA GLY B 26 -30.67 -7.74 -41.83
C GLY B 26 -32.00 -8.09 -41.18
N PHE B 27 -32.73 -7.06 -40.74
CA PHE B 27 -34.02 -7.26 -40.08
C PHE B 27 -34.81 -5.95 -40.11
N THR B 28 -36.10 -6.03 -39.77
CA THR B 28 -36.93 -4.84 -39.68
C THR B 28 -36.60 -4.15 -38.36
N PHE B 29 -35.99 -2.97 -38.47
CA PHE B 29 -35.41 -2.26 -37.33
C PHE B 29 -36.40 -2.02 -36.17
N SER B 30 -37.60 -1.58 -36.51
CA SER B 30 -38.60 -1.25 -35.48
C SER B 30 -39.23 -2.47 -34.80
N ASP B 31 -39.04 -3.66 -35.39
CA ASP B 31 -39.50 -4.90 -34.75
C ASP B 31 -38.51 -5.43 -33.72
N ALA B 32 -37.34 -4.79 -33.59
CA ALA B 32 -36.27 -5.32 -32.75
C ALA B 32 -36.00 -4.50 -31.49
N TRP B 33 -35.67 -5.21 -30.42
CA TRP B 33 -35.15 -4.58 -29.22
CA TRP B 33 -35.14 -4.59 -29.21
C TRP B 33 -33.71 -4.14 -29.51
N MET B 34 -33.41 -2.87 -29.30
CA MET B 34 -32.06 -2.33 -29.50
C MET B 34 -31.61 -1.66 -28.21
N ASP B 35 -30.42 -2.01 -27.74
CA ASP B 35 -29.94 -1.57 -26.44
C ASP B 35 -28.42 -1.41 -26.44
N TRP B 36 -27.90 -0.86 -25.35
CA TRP B 36 -26.47 -0.60 -25.22
C TRP B 36 -25.92 -1.23 -23.94
N VAL B 37 -24.77 -1.89 -24.08
CA VAL B 37 -24.05 -2.50 -22.96
C VAL B 37 -22.60 -2.03 -23.02
N ARG B 38 -22.04 -1.67 -21.87
CA ARG B 38 -20.64 -1.29 -21.82
C ARG B 38 -19.81 -2.30 -21.04
N GLN B 39 -18.52 -2.36 -21.34
CA GLN B 39 -17.61 -3.27 -20.67
C GLN B 39 -16.35 -2.53 -20.26
N SER B 40 -15.96 -2.70 -18.99
CA SER B 40 -14.69 -2.19 -18.48
C SER B 40 -14.07 -3.26 -17.57
N PRO B 41 -12.74 -3.19 -17.35
CA PRO B 41 -12.11 -4.14 -16.42
C PRO B 41 -12.63 -3.99 -14.98
N GLU B 42 -12.96 -2.77 -14.59
CA GLU B 42 -13.44 -2.50 -13.22
C GLU B 42 -14.86 -3.01 -12.99
N LYS B 43 -15.81 -2.60 -13.83
CA LYS B 43 -17.23 -2.88 -13.63
C LYS B 43 -17.75 -4.11 -14.38
N GLY B 44 -16.97 -4.64 -15.32
CA GLY B 44 -17.42 -5.76 -16.15
C GLY B 44 -18.50 -5.31 -17.12
N LEU B 45 -19.43 -6.20 -17.45
CA LEU B 45 -20.51 -5.90 -18.39
C LEU B 45 -21.68 -5.23 -17.69
N GLU B 46 -22.06 -4.05 -18.18
CA GLU B 46 -23.16 -3.25 -17.63
C GLU B 46 -24.09 -2.78 -18.72
N TRP B 47 -25.39 -2.97 -18.52
CA TRP B 47 -26.39 -2.29 -19.34
C TRP B 47 -26.31 -0.80 -19.01
N VAL B 48 -26.40 0.04 -20.02
CA VAL B 48 -26.38 1.49 -19.80
C VAL B 48 -27.40 1.96 -18.74
N ALA B 49 -28.52 1.25 -18.64
CA ALA B 49 -29.54 1.56 -17.62
C ALA B 49 -29.07 1.33 -16.17
N GLU B 50 -28.07 0.47 -15.97
CA GLU B 50 -27.51 0.22 -14.64
C GLU B 50 -26.65 1.38 -14.11
N ILE B 51 -26.17 2.24 -15.01
CA ILE B 51 -25.22 3.28 -14.63
C ILE B 51 -25.93 4.40 -13.85
N ARG B 52 -27.18 4.69 -14.19
CA ARG B 52 -27.99 5.69 -13.50
C ARG B 52 -27.87 5.62 -11.97
N GLY B 68 -30.43 9.56 -16.58
CA GLY B 68 -30.15 10.96 -16.84
C GLY B 68 -28.94 11.16 -17.76
N ARG B 69 -27.83 10.54 -17.40
CA ARG B 69 -26.57 10.74 -18.13
C ARG B 69 -26.46 9.90 -19.40
N PHE B 70 -27.20 8.80 -19.48
CA PHE B 70 -27.16 7.91 -20.65
C PHE B 70 -28.57 7.70 -21.20
N THR B 71 -28.83 8.24 -22.39
CA THR B 71 -30.16 8.20 -22.98
C THR B 71 -30.15 7.57 -24.37
N ILE B 72 -31.01 6.56 -24.56
CA ILE B 72 -31.15 5.88 -25.84
C ILE B 72 -32.24 6.55 -26.67
N SER B 73 -31.97 6.72 -27.96
CA SER B 73 -32.96 7.20 -28.92
C SER B 73 -32.75 6.50 -30.27
N ARG B 74 -33.66 6.75 -31.20
CA ARG B 74 -33.57 6.19 -32.55
C ARG B 74 -33.77 7.28 -33.60
N ASP B 75 -33.27 7.02 -34.80
CA ASP B 75 -33.44 7.95 -35.92
C ASP B 75 -34.91 7.95 -36.38
N ASP B 76 -35.37 9.08 -36.90
CA ASP B 76 -36.74 9.22 -37.39
C ASP B 76 -37.08 8.16 -38.44
N SER B 77 -36.16 7.92 -39.37
CA SER B 77 -36.40 7.01 -40.50
C SER B 77 -35.39 5.87 -40.62
N LYS B 78 -34.10 6.18 -40.49
CA LYS B 78 -33.03 5.21 -40.76
C LYS B 78 -32.90 4.12 -39.69
N ASN B 79 -32.22 3.03 -40.05
CA ASN B 79 -31.93 1.94 -39.11
C ASN B 79 -30.77 2.29 -38.19
N ILE B 80 -30.96 3.32 -37.37
CA ILE B 80 -29.91 3.80 -36.48
C ILE B 80 -30.45 4.00 -35.06
N VAL B 81 -29.75 3.42 -34.08
CA VAL B 81 -30.00 3.67 -32.67
C VAL B 81 -28.84 4.50 -32.13
N TYR B 82 -29.16 5.44 -31.24
CA TYR B 82 -28.17 6.35 -30.69
C TYR B 82 -28.02 6.17 -29.18
N LEU B 83 -26.84 6.54 -28.67
CA LEU B 83 -26.62 6.64 -27.24
C LEU B 83 -26.01 8.00 -26.94
N GLN B 84 -26.81 8.88 -26.33
CA GLN B 84 -26.34 10.20 -25.94
C GLN B 84 -25.78 10.10 -24.53
N MET B 85 -24.51 10.46 -24.38
CA MET B 85 -23.81 10.40 -23.10
C MET B 85 -23.45 11.81 -22.66
N ASN B 86 -23.87 12.19 -21.46
CA ASN B 86 -23.61 13.54 -20.92
C ASN B 86 -22.89 13.51 -19.58
N SER B 87 -22.24 14.62 -19.24
CA SER B 87 -21.55 14.77 -17.95
C SER B 87 -20.66 13.58 -17.64
N LEU B 88 -19.79 13.24 -18.59
CA LEU B 88 -18.98 12.04 -18.50
C LEU B 88 -17.88 12.18 -17.46
N ARG B 89 -17.51 11.06 -16.85
CA ARG B 89 -16.44 11.00 -15.85
C ARG B 89 -15.41 9.98 -16.31
N PRO B 90 -14.19 10.03 -15.74
CA PRO B 90 -13.16 9.04 -16.06
C PRO B 90 -13.62 7.59 -15.92
N GLU B 91 -14.44 7.31 -14.91
CA GLU B 91 -14.97 5.97 -14.68
C GLU B 91 -15.89 5.45 -15.80
N ASP B 92 -16.40 6.35 -16.64
CA ASP B 92 -17.21 5.95 -17.80
C ASP B 92 -16.37 5.46 -18.97
N THR B 93 -15.05 5.50 -18.84
CA THR B 93 -14.15 4.95 -19.86
C THR B 93 -14.40 3.45 -20.03
N GLY B 94 -14.44 3.01 -21.28
CA GLY B 94 -14.66 1.60 -21.60
C GLY B 94 -15.17 1.37 -23.01
N ILE B 95 -15.53 0.12 -23.30
CA ILE B 95 -16.03 -0.26 -24.62
C ILE B 95 -17.55 -0.33 -24.58
N TYR B 96 -18.18 0.37 -25.51
CA TYR B 96 -19.63 0.46 -25.57
C TYR B 96 -20.18 -0.34 -26.74
N TYR B 97 -20.99 -1.36 -26.42
CA TYR B 97 -21.56 -2.25 -27.42
C TYR B 97 -23.00 -1.90 -27.73
N CYS B 98 -23.31 -1.88 -29.02
CA CYS B 98 -24.68 -1.85 -29.51
C CYS B 98 -25.14 -3.31 -29.57
N THR B 99 -26.37 -3.58 -29.17
CA THR B 99 -26.86 -4.95 -29.17
C THR B 99 -28.36 -5.07 -29.43
N SER B 100 -28.74 -6.14 -30.12
CA SER B 100 -30.12 -6.58 -30.20
C SER B 100 -30.18 -7.92 -29.46
N PRO B 101 -30.59 -7.89 -28.17
CA PRO B 101 -30.40 -9.06 -27.32
C PRO B 101 -31.14 -10.30 -27.82
N PHE B 102 -30.61 -11.49 -27.54
CA PHE B 102 -29.36 -11.68 -26.80
C PHE B 102 -28.16 -12.00 -27.70
N ALA B 103 -28.41 -12.40 -28.94
CA ALA B 103 -27.39 -12.99 -29.79
C ALA B 103 -26.58 -11.99 -30.61
N TYR B 104 -27.13 -10.80 -30.84
CA TYR B 104 -26.53 -9.87 -31.81
C TYR B 104 -25.85 -8.69 -31.15
N TRP B 105 -24.56 -8.53 -31.47
CA TRP B 105 -23.69 -7.53 -30.88
C TRP B 105 -22.89 -6.85 -31.96
N GLY B 106 -22.60 -5.56 -31.78
CA GLY B 106 -21.65 -4.87 -32.65
C GLY B 106 -20.22 -5.18 -32.26
N GLN B 107 -19.27 -4.51 -32.89
CA GLN B 107 -17.86 -4.73 -32.62
C GLN B 107 -17.41 -4.05 -31.32
N GLY B 108 -18.17 -3.04 -30.91
CA GLY B 108 -17.83 -2.24 -29.74
C GLY B 108 -16.96 -1.06 -30.10
N THR B 109 -17.21 0.09 -29.48
CA THR B 109 -16.42 1.29 -29.73
C THR B 109 -15.89 1.84 -28.41
N LEU B 110 -14.62 2.22 -28.42
CA LEU B 110 -13.92 2.67 -27.22
C LEU B 110 -14.24 4.14 -26.94
N VAL B 111 -14.65 4.41 -25.71
CA VAL B 111 -14.87 5.77 -25.24
C VAL B 111 -13.87 6.05 -24.11
N THR B 112 -13.04 7.06 -24.30
CA THR B 112 -12.02 7.43 -23.30
C THR B 112 -12.36 8.81 -22.73
N VAL B 113 -12.61 8.87 -21.43
CA VAL B 113 -12.93 10.13 -20.76
C VAL B 113 -11.73 10.59 -19.95
N SER B 114 -11.07 11.64 -20.42
CA SER B 114 -9.87 12.14 -19.76
C SER B 114 -9.58 13.60 -20.10
N ALA B 115 -8.99 14.30 -19.13
CA ALA B 115 -8.67 15.71 -19.23
C ALA B 115 -7.21 15.91 -19.64
N ALA B 116 -6.48 14.82 -19.87
CA ALA B 116 -5.05 14.90 -20.18
C ALA B 116 -4.81 15.53 -21.55
N LYS B 117 -3.69 16.25 -21.63
CA LYS B 117 -3.17 16.77 -22.88
C LYS B 117 -2.21 15.70 -23.34
N THR B 118 -1.81 15.78 -24.60
CA THR B 118 -0.82 14.88 -25.13
C THR B 118 0.49 15.11 -24.39
N THR B 119 1.00 14.04 -23.79
CA THR B 119 2.22 14.12 -22.98
C THR B 119 3.15 12.99 -23.35
N ALA B 120 4.40 13.33 -23.64
CA ALA B 120 5.42 12.34 -23.98
C ALA B 120 5.83 11.56 -22.72
N PRO B 121 6.27 10.31 -22.92
CA PRO B 121 6.70 9.49 -21.78
C PRO B 121 8.10 9.86 -21.30
N SER B 122 8.31 9.75 -19.99
CA SER B 122 9.66 9.73 -19.43
C SER B 122 10.09 8.28 -19.39
N VAL B 123 11.26 7.99 -19.97
CA VAL B 123 11.77 6.63 -20.04
C VAL B 123 12.99 6.50 -19.14
N TYR B 124 12.94 5.56 -18.19
CA TYR B 124 14.02 5.36 -17.23
C TYR B 124 14.54 3.93 -17.30
N PRO B 125 15.88 3.76 -17.34
CA PRO B 125 16.47 2.43 -17.33
C PRO B 125 16.53 1.88 -15.91
N LEU B 126 16.28 0.57 -15.77
CA LEU B 126 16.32 -0.08 -14.47
C LEU B 126 17.41 -1.16 -14.46
N ALA B 127 18.60 -0.78 -13.99
CA ALA B 127 19.70 -1.71 -13.83
C ALA B 127 19.58 -2.39 -12.47
N PRO B 128 20.20 -3.57 -12.30
CA PRO B 128 20.09 -4.32 -11.04
C PRO B 128 20.60 -3.54 -9.83
N VAL B 129 20.31 -4.05 -8.63
CA VAL B 129 20.76 -3.44 -7.38
C VAL B 129 22.30 -3.26 -7.42
N CYS B 130 22.77 -2.14 -6.89
CA CYS B 130 24.20 -1.78 -6.95
C CYS B 130 25.10 -2.83 -6.29
N GLY B 131 24.61 -3.41 -5.18
CA GLY B 131 25.32 -4.46 -4.46
C GLY B 131 25.86 -5.58 -5.34
N GLY B 132 25.04 -6.03 -6.29
CA GLY B 132 25.41 -7.07 -7.24
C GLY B 132 24.66 -8.34 -6.95
N THR B 133 23.44 -8.43 -7.46
CA THR B 133 22.61 -9.63 -7.28
C THR B 133 23.18 -10.87 -8.00
N THR B 134 24.00 -10.65 -9.04
CA THR B 134 24.64 -11.72 -9.82
C THR B 134 23.73 -12.96 -10.05
N GLY B 135 24.18 -14.16 -9.69
CA GLY B 135 23.44 -15.38 -9.96
C GLY B 135 23.56 -15.85 -11.40
N SER B 136 22.84 -16.92 -11.73
CA SER B 136 22.93 -17.52 -13.06
C SER B 136 22.38 -16.58 -14.13
N SER B 137 21.26 -15.96 -13.82
CA SER B 137 20.62 -15.00 -14.73
C SER B 137 20.61 -13.60 -14.12
N VAL B 138 20.35 -12.62 -14.97
CA VAL B 138 20.24 -11.22 -14.53
C VAL B 138 19.04 -10.57 -15.21
N THR B 139 18.24 -9.85 -14.42
CA THR B 139 17.02 -9.22 -14.92
C THR B 139 17.19 -7.70 -14.95
N LEU B 140 16.87 -7.11 -16.10
CA LEU B 140 16.91 -5.67 -16.30
C LEU B 140 15.49 -5.17 -16.54
N GLY B 141 15.30 -3.86 -16.42
CA GLY B 141 13.98 -3.26 -16.60
C GLY B 141 14.00 -1.93 -17.34
N CYS B 142 12.82 -1.50 -17.77
CA CYS B 142 12.66 -0.23 -18.49
C CYS B 142 11.30 0.35 -18.07
N LEU B 143 11.34 1.48 -17.37
CA LEU B 143 10.13 2.12 -16.86
C LEU B 143 9.69 3.27 -17.77
N VAL B 144 8.45 3.21 -18.23
CA VAL B 144 7.87 4.25 -19.09
C VAL B 144 6.74 4.92 -18.31
N LYS B 145 6.94 6.19 -17.97
CA LYS B 145 6.07 6.87 -17.00
C LYS B 145 5.49 8.18 -17.54
N GLY B 146 4.21 8.40 -17.23
CA GLY B 146 3.60 9.71 -17.43
C GLY B 146 3.32 10.10 -18.87
N TYR B 147 2.73 9.19 -19.64
CA TYR B 147 2.38 9.48 -21.03
C TYR B 147 0.87 9.46 -21.27
N PHE B 148 0.47 10.12 -22.35
CA PHE B 148 -0.92 10.14 -22.79
C PHE B 148 -0.96 10.69 -24.22
N PRO B 149 -1.79 10.12 -25.09
CA PRO B 149 -2.64 8.96 -24.81
C PRO B 149 -1.91 7.63 -25.03
N GLU B 150 -2.65 6.54 -24.90
CA GLU B 150 -2.18 5.23 -25.33
C GLU B 150 -2.18 5.24 -26.86
N PRO B 151 -1.34 4.45 -27.52
CA PRO B 151 -0.43 3.49 -26.91
C PRO B 151 1.04 3.88 -27.06
N VAL B 152 1.90 3.11 -26.41
CA VAL B 152 3.35 3.17 -26.65
C VAL B 152 3.80 1.78 -27.08
N THR B 153 4.86 1.72 -27.89
CA THR B 153 5.46 0.44 -28.27
C THR B 153 6.85 0.34 -27.65
N LEU B 154 7.12 -0.78 -26.98
CA LEU B 154 8.39 -1.02 -26.32
C LEU B 154 9.04 -2.29 -26.85
N THR B 155 10.29 -2.17 -27.29
CA THR B 155 11.09 -3.32 -27.73
C THR B 155 12.46 -3.26 -27.07
N TRP B 156 13.25 -4.32 -27.26
CA TRP B 156 14.62 -4.37 -26.76
C TRP B 156 15.57 -4.62 -27.93
N ASN B 157 16.56 -3.75 -28.08
CA ASN B 157 17.58 -3.85 -29.14
C ASN B 157 16.98 -3.92 -30.56
N SER B 158 16.05 -3.02 -30.84
CA SER B 158 15.37 -2.97 -32.14
C SER B 158 14.54 -4.22 -32.43
N GLY B 159 14.08 -4.90 -31.38
CA GLY B 159 13.32 -6.14 -31.51
C GLY B 159 14.15 -7.40 -31.68
N SER B 160 15.48 -7.28 -31.60
CA SER B 160 16.38 -8.43 -31.75
C SER B 160 16.31 -9.36 -30.54
N LEU B 161 16.00 -8.78 -29.38
CA LEU B 161 15.93 -9.52 -28.13
C LEU B 161 14.47 -9.68 -27.70
N SER B 162 13.85 -10.79 -28.10
CA SER B 162 12.44 -11.07 -27.81
C SER B 162 12.23 -12.10 -26.70
N SER B 163 13.15 -13.04 -26.55
CA SER B 163 13.06 -14.09 -25.54
C SER B 163 13.28 -13.55 -24.13
N GLY B 164 12.57 -14.12 -23.16
CA GLY B 164 12.72 -13.74 -21.75
C GLY B 164 12.24 -12.33 -21.43
N VAL B 165 11.28 -11.83 -22.22
CA VAL B 165 10.76 -10.48 -22.08
C VAL B 165 9.34 -10.51 -21.51
N HIS B 166 9.06 -9.61 -20.58
CA HIS B 166 7.71 -9.39 -20.07
C HIS B 166 7.41 -7.90 -20.10
N THR B 167 6.57 -7.49 -21.05
CA THR B 167 6.07 -6.12 -21.11
C THR B 167 4.69 -6.11 -20.46
N PHE B 168 4.55 -5.30 -19.41
CA PHE B 168 3.34 -5.29 -18.59
C PHE B 168 2.34 -4.27 -19.10
N PRO B 169 1.03 -4.58 -19.04
CA PRO B 169 0.00 -3.63 -19.48
C PRO B 169 0.06 -2.31 -18.73
N ALA B 170 -0.27 -1.23 -19.42
CA ALA B 170 -0.24 0.11 -18.85
C ALA B 170 -1.39 0.31 -17.87
N LEU B 171 -1.13 1.06 -16.80
CA LEU B 171 -2.15 1.44 -15.84
C LEU B 171 -2.18 2.95 -15.70
N LEU B 172 -3.34 3.47 -15.34
CA LEU B 172 -3.54 4.90 -15.21
C LEU B 172 -3.10 5.33 -13.81
N GLN B 173 -2.15 6.25 -13.75
CA GLN B 173 -1.57 6.71 -12.49
C GLN B 173 -1.65 8.23 -12.50
N SER B 174 -2.51 8.77 -11.64
CA SER B 174 -3.00 10.16 -11.75
C SER B 174 -3.93 10.28 -12.98
N GLY B 175 -3.57 11.10 -13.97
CA GLY B 175 -4.29 11.12 -15.26
C GLY B 175 -3.40 10.70 -16.42
N LEU B 176 -2.31 9.99 -16.11
CA LEU B 176 -1.32 9.62 -17.11
C LEU B 176 -0.99 8.14 -17.01
N TYR B 177 -0.62 7.53 -18.14
CA TYR B 177 -0.33 6.11 -18.20
C TYR B 177 1.12 5.81 -17.81
N THR B 178 1.32 4.65 -17.20
CA THR B 178 2.64 4.17 -16.84
C THR B 178 2.71 2.67 -17.11
N LEU B 179 3.81 2.23 -17.72
CA LEU B 179 4.07 0.80 -17.88
C LEU B 179 5.55 0.52 -17.73
N SER B 180 5.86 -0.75 -17.47
CA SER B 180 7.23 -1.21 -17.35
C SER B 180 7.44 -2.45 -18.19
N SER B 181 8.69 -2.83 -18.35
CA SER B 181 9.06 -4.05 -19.09
C SER B 181 10.32 -4.64 -18.49
N SER B 182 10.33 -5.95 -18.31
CA SER B 182 11.51 -6.65 -17.82
C SER B 182 12.09 -7.52 -18.92
N VAL B 183 13.40 -7.73 -18.85
CA VAL B 183 14.10 -8.62 -19.78
C VAL B 183 15.14 -9.40 -18.99
N THR B 184 15.19 -10.71 -19.20
CA THR B 184 16.08 -11.59 -18.45
C THR B 184 17.03 -12.32 -19.40
N VAL B 185 18.31 -12.30 -19.05
CA VAL B 185 19.36 -12.95 -19.84
C VAL B 185 20.39 -13.61 -18.93
N THR B 186 21.25 -14.43 -19.53
CA THR B 186 22.34 -15.09 -18.80
C THR B 186 23.34 -14.06 -18.28
N SER B 187 23.91 -14.35 -17.11
CA SER B 187 24.82 -13.42 -16.43
C SER B 187 26.08 -13.06 -17.21
N ASN B 188 26.47 -13.95 -18.12
CA ASN B 188 27.68 -13.76 -18.94
C ASN B 188 27.44 -12.97 -20.22
N THR B 189 26.25 -12.38 -20.41
CA THR B 189 25.99 -11.49 -21.55
C THR B 189 26.10 -10.01 -21.18
N TRP B 190 25.23 -9.54 -20.29
CA TRP B 190 25.24 -8.16 -19.83
C TRP B 190 26.23 -8.03 -18.67
N PRO B 191 27.03 -6.97 -18.60
CA PRO B 191 26.94 -5.78 -19.48
C PRO B 191 27.85 -5.75 -20.72
N SER B 192 28.51 -6.87 -21.05
CA SER B 192 29.35 -6.91 -22.26
C SER B 192 28.52 -6.70 -23.51
N GLN B 193 27.44 -7.47 -23.64
CA GLN B 193 26.48 -7.26 -24.71
C GLN B 193 25.56 -6.10 -24.31
N THR B 194 25.50 -5.08 -25.15
CA THR B 194 24.71 -3.89 -24.89
C THR B 194 23.21 -4.23 -24.92
N ILE B 195 22.45 -3.66 -23.98
CA ILE B 195 21.00 -3.85 -23.91
C ILE B 195 20.32 -2.50 -23.81
N THR B 196 19.35 -2.27 -24.69
CA THR B 196 18.69 -0.98 -24.83
C THR B 196 17.19 -1.20 -25.03
N CYS B 197 16.37 -0.53 -24.23
CA CYS B 197 14.93 -0.53 -24.46
C CYS B 197 14.57 0.62 -25.39
N ASN B 198 13.82 0.31 -26.45
CA ASN B 198 13.40 1.30 -27.43
C ASN B 198 11.94 1.59 -27.22
N VAL B 199 11.63 2.84 -26.86
CA VAL B 199 10.27 3.26 -26.58
C VAL B 199 9.83 4.28 -27.62
N ALA B 200 8.63 4.10 -28.16
CA ALA B 200 8.09 5.00 -29.16
C ALA B 200 6.65 5.38 -28.82
N HIS B 201 6.35 6.67 -28.92
CA HIS B 201 5.03 7.20 -28.60
C HIS B 201 4.52 8.05 -29.77
N PRO B 202 3.74 7.42 -30.67
CA PRO B 202 3.26 8.07 -31.90
C PRO B 202 2.60 9.44 -31.71
N ALA B 203 1.78 9.56 -30.66
CA ALA B 203 1.00 10.78 -30.43
C ALA B 203 1.85 12.02 -30.17
N SER B 204 3.00 11.84 -29.51
CA SER B 204 3.91 12.95 -29.21
C SER B 204 5.09 13.04 -30.19
N SER B 205 5.15 12.10 -31.14
CA SER B 205 6.24 12.01 -32.10
C SER B 205 7.60 11.90 -31.42
N THR B 206 7.68 11.01 -30.43
CA THR B 206 8.91 10.77 -29.69
C THR B 206 9.35 9.31 -29.81
N LYS B 207 10.61 9.11 -30.14
CA LYS B 207 11.22 7.79 -30.18
C LYS B 207 12.51 7.86 -29.36
N VAL B 208 12.52 7.13 -28.23
CA VAL B 208 13.63 7.18 -27.29
C VAL B 208 14.30 5.83 -27.19
N ASP B 209 15.63 5.84 -27.10
CA ASP B 209 16.44 4.64 -26.89
C ASP B 209 17.28 4.85 -25.63
N LYS B 210 17.00 4.07 -24.59
CA LYS B 210 17.74 4.17 -23.33
C LYS B 210 18.58 2.92 -23.09
N LYS B 211 19.90 3.08 -23.10
CA LYS B 211 20.83 2.00 -22.82
C LYS B 211 20.82 1.70 -21.32
N ILE B 212 20.80 0.42 -20.98
CA ILE B 212 20.83 -0.01 -19.58
C ILE B 212 22.29 -0.15 -19.17
N GLU B 213 22.71 0.59 -18.15
CA GLU B 213 24.08 0.56 -17.68
C GLU B 213 24.13 0.30 -16.19
N PRO B 214 25.18 -0.41 -15.72
CA PRO B 214 25.30 -0.73 -14.29
C PRO B 214 25.25 0.49 -13.38
N ARG B 215 24.67 0.33 -12.20
CA ARG B 215 24.63 1.40 -11.21
C ARG B 215 26.00 1.58 -10.57
N ASP B 216 26.27 2.80 -10.12
CA ASP B 216 27.48 3.12 -9.37
C ASP B 216 27.11 3.79 -8.05
N PRO B 217 28.02 3.80 -7.06
CA PRO B 217 27.78 4.50 -5.80
C PRO B 217 27.38 5.98 -5.96
N ILE B 218 26.66 6.51 -4.96
CA ILE B 218 26.17 7.89 -5.03
C ILE B 218 27.27 8.87 -4.69
N ASP C 1 -15.70 17.91 -0.77
CA ASP C 1 -14.90 18.53 0.32
C ASP C 1 -13.65 19.21 -0.25
N ILE C 2 -13.16 20.21 0.47
CA ILE C 2 -11.95 20.92 0.06
C ILE C 2 -10.72 20.04 0.31
N VAL C 3 -9.83 19.98 -0.67
CA VAL C 3 -8.61 19.20 -0.57
C VAL C 3 -7.46 20.13 -0.18
N MET C 4 -6.75 19.76 0.87
CA MET C 4 -5.59 20.51 1.35
C MET C 4 -4.33 19.72 1.03
N THR C 5 -3.45 20.32 0.24
CA THR C 5 -2.26 19.65 -0.26
C THR C 5 -0.98 20.26 0.30
N GLN C 6 -0.19 19.44 0.99
CA GLN C 6 1.17 19.79 1.37
C GLN C 6 2.11 18.92 0.51
N SER C 7 2.76 19.54 -0.47
CA SER C 7 3.62 18.82 -1.42
C SER C 7 4.83 18.16 -0.73
N GLN C 8 5.39 18.83 0.27
CA GLN C 8 6.58 18.37 0.94
C GLN C 8 6.21 17.36 2.02
N LYS C 9 6.74 16.15 1.93
CA LYS C 9 6.49 15.11 2.93
C LYS C 9 7.57 15.10 4.02
N PHE C 10 8.82 15.35 3.64
CA PHE C 10 9.95 15.37 4.56
C PHE C 10 10.89 16.52 4.25
N MET C 11 11.31 17.23 5.30
CA MET C 11 12.20 18.37 5.17
C MET C 11 13.27 18.28 6.26
N SER C 12 14.52 18.54 5.88
CA SER C 12 15.65 18.48 6.80
C SER C 12 16.40 19.81 6.87
N VAL C 13 16.57 20.33 8.09
CA VAL C 13 17.04 21.69 8.28
C VAL C 13 18.03 21.78 9.44
N THR C 14 19.03 22.63 9.30
CA THR C 14 20.07 22.77 10.33
C THR C 14 19.53 23.70 11.41
N VAL C 15 19.85 23.39 12.67
CA VAL C 15 19.45 24.26 13.78
C VAL C 15 19.95 25.67 13.49
N GLY C 16 19.06 26.65 13.63
CA GLY C 16 19.39 28.03 13.32
C GLY C 16 18.93 28.51 11.95
N ASP C 17 18.56 27.60 11.06
CA ASP C 17 18.12 27.96 9.71
C ASP C 17 16.63 28.33 9.69
N ARG C 18 16.19 28.85 8.55
CA ARG C 18 14.80 29.17 8.27
C ARG C 18 14.21 28.09 7.38
N VAL C 19 12.97 27.69 7.64
CA VAL C 19 12.26 26.73 6.78
C VAL C 19 10.84 27.20 6.46
N SER C 20 10.38 26.88 5.25
CA SER C 20 9.03 27.25 4.78
C SER C 20 8.25 26.01 4.36
N ILE C 21 7.13 25.77 5.03
CA ILE C 21 6.26 24.65 4.74
C ILE C 21 5.03 25.16 4.00
N THR C 22 4.78 24.61 2.81
CA THR C 22 3.68 25.08 1.96
C THR C 22 2.40 24.28 2.16
N CYS C 23 1.27 24.96 1.96
CA CYS C 23 -0.05 24.36 2.00
C CYS C 23 -0.86 24.97 0.86
N LYS C 24 -1.57 24.14 0.10
CA LYS C 24 -2.44 24.62 -0.97
C LYS C 24 -3.85 24.06 -0.82
N THR C 25 -4.84 24.95 -0.87
CA THR C 25 -6.24 24.57 -0.81
C THR C 25 -6.81 24.49 -2.21
N SER C 26 -7.75 23.57 -2.43
CA SER C 26 -8.37 23.38 -3.74
C SER C 26 -9.45 24.42 -4.04
N GLN C 27 -9.80 25.24 -3.04
CA GLN C 27 -10.82 26.27 -3.19
C GLN C 27 -10.33 27.53 -2.45
N SER C 28 -10.87 28.68 -2.82
CA SER C 28 -10.56 29.94 -2.15
C SER C 28 -11.12 29.95 -0.74
N VAL C 29 -10.24 30.05 0.25
CA VAL C 29 -10.64 29.97 1.66
C VAL C 29 -10.27 31.22 2.47
N GLY C 30 -9.98 32.32 1.77
CA GLY C 30 -9.62 33.57 2.42
C GLY C 30 -8.39 33.38 3.28
N THR C 31 -8.54 33.60 4.58
CA THR C 31 -7.46 33.32 5.53
C THR C 31 -7.94 32.40 6.66
N THR C 32 -8.90 31.51 6.37
CA THR C 32 -9.39 30.56 7.37
C THR C 32 -8.50 29.32 7.42
N ILE C 33 -7.27 29.50 7.90
CA ILE C 33 -6.29 28.41 7.92
C ILE C 33 -5.73 28.22 9.32
N VAL C 34 -5.64 26.97 9.74
CA VAL C 34 -5.02 26.60 11.01
C VAL C 34 -3.78 25.76 10.73
N TRP C 35 -2.75 25.95 11.55
CA TRP C 35 -1.56 25.11 11.52
C TRP C 35 -1.40 24.36 12.85
N TYR C 36 -1.06 23.08 12.76
CA TYR C 36 -0.81 22.25 13.94
C TYR C 36 0.61 21.71 13.94
N GLN C 37 1.12 21.45 15.13
CA GLN C 37 2.37 20.73 15.32
C GLN C 37 2.06 19.44 16.06
N GLN C 38 2.58 18.32 15.57
CA GLN C 38 2.42 17.05 16.26
C GLN C 38 3.76 16.37 16.48
N LYS C 39 4.10 16.16 17.76
CA LYS C 39 5.26 15.36 18.14
C LYS C 39 4.85 13.91 18.29
N PRO C 40 5.83 12.99 18.19
CA PRO C 40 5.52 11.56 18.27
C PRO C 40 4.86 11.18 19.59
N GLY C 41 3.80 10.38 19.53
CA GLY C 41 3.08 9.94 20.71
C GLY C 41 2.15 10.97 21.34
N GLN C 42 1.93 12.09 20.65
CA GLN C 42 1.09 13.17 21.16
C GLN C 42 0.00 13.54 20.16
N SER C 43 -1.06 14.19 20.65
CA SER C 43 -2.08 14.73 19.79
C SER C 43 -1.54 15.98 19.11
N PRO C 44 -2.15 16.38 17.98
CA PRO C 44 -1.76 17.65 17.37
C PRO C 44 -1.96 18.83 18.33
N LYS C 45 -1.12 19.84 18.19
CA LYS C 45 -1.16 21.02 19.05
C LYS C 45 -1.31 22.26 18.17
N LEU C 46 -2.24 23.13 18.55
CA LEU C 46 -2.54 24.32 17.75
C LEU C 46 -1.39 25.33 17.79
N LEU C 47 -0.97 25.80 16.61
CA LEU C 47 0.06 26.82 16.49
C LEU C 47 -0.50 28.18 16.09
N ILE C 48 -1.26 28.18 15.00
CA ILE C 48 -1.74 29.41 14.37
C ILE C 48 -3.17 29.20 13.88
N TYR C 49 -3.97 30.25 13.99
CA TYR C 49 -5.31 30.26 13.38
C TYR C 49 -5.48 31.51 12.54
N SER C 50 -6.55 31.55 11.74
CA SER C 50 -6.80 32.65 10.81
C SER C 50 -5.56 32.96 9.96
N ALA C 51 -4.88 31.92 9.51
CA ALA C 51 -3.69 31.99 8.65
C ALA C 51 -2.43 32.56 9.30
N SER C 52 -2.55 33.64 10.06
CA SER C 52 -1.39 34.33 10.61
C SER C 52 -1.46 34.68 12.11
N ASN C 53 -2.57 34.35 12.79
CA ASN C 53 -2.73 34.70 14.19
C ASN C 53 -2.15 33.59 15.07
N ARG C 54 -1.07 33.91 15.77
CA ARG C 54 -0.34 32.93 16.56
C ARG C 54 -1.09 32.63 17.87
N HIS C 55 -1.23 31.35 18.18
CA HIS C 55 -1.90 30.92 19.41
C HIS C 55 -1.04 31.27 20.63
N THR C 56 -1.70 31.46 21.77
CA THR C 56 -1.02 31.83 23.02
C THR C 56 0.03 30.78 23.41
N GLY C 57 1.22 31.26 23.79
CA GLY C 57 2.30 30.39 24.24
C GLY C 57 3.23 29.90 23.14
N VAL C 58 2.85 30.12 21.88
CA VAL C 58 3.66 29.68 20.74
C VAL C 58 4.75 30.70 20.47
N PRO C 59 6.02 30.25 20.36
CA PRO C 59 7.12 31.18 20.08
C PRO C 59 6.91 31.99 18.81
N ASP C 60 7.40 33.23 18.80
CA ASP C 60 7.24 34.11 17.64
C ASP C 60 8.09 33.71 16.42
N ARG C 61 8.92 32.68 16.58
CA ARG C 61 9.66 32.08 15.46
C ARG C 61 8.73 31.46 14.42
N PHE C 62 7.55 31.03 14.86
CA PHE C 62 6.54 30.49 13.96
C PHE C 62 5.68 31.61 13.36
N THR C 63 5.66 31.68 12.03
CA THR C 63 4.90 32.70 11.31
C THR C 63 4.06 32.05 10.22
N GLY C 64 2.77 32.40 10.19
CA GLY C 64 1.86 31.94 9.15
C GLY C 64 1.54 33.07 8.19
N SER C 65 1.43 32.76 6.90
CA SER C 65 1.11 33.78 5.90
C SER C 65 0.36 33.21 4.70
N GLY C 66 -0.10 34.10 3.84
CA GLY C 66 -0.81 33.74 2.62
C GLY C 66 -2.30 34.03 2.70
N SER C 67 -2.96 34.04 1.54
CA SER C 67 -4.41 34.20 1.47
C SER C 67 -4.90 33.64 0.14
N GLY C 68 -6.16 33.19 0.13
CA GLY C 68 -6.74 32.59 -1.07
C GLY C 68 -6.58 31.08 -1.06
N THR C 69 -5.62 30.59 -1.83
CA THR C 69 -5.37 29.14 -1.93
C THR C 69 -3.97 28.71 -1.46
N ASP C 70 -3.00 29.62 -1.43
CA ASP C 70 -1.61 29.27 -1.14
C ASP C 70 -1.16 29.84 0.20
N PHE C 71 -0.74 28.97 1.11
CA PHE C 71 -0.35 29.38 2.45
C PHE C 71 1.02 28.82 2.82
N ILE C 72 1.69 29.49 3.75
CA ILE C 72 3.03 29.12 4.17
C ILE C 72 3.17 29.22 5.69
N LEU C 73 3.72 28.16 6.29
CA LEU C 73 4.18 28.20 7.66
C LEU C 73 5.70 28.34 7.63
N THR C 74 6.19 29.44 8.17
CA THR C 74 7.62 29.69 8.25
C THR C 74 8.09 29.51 9.69
N ILE C 75 9.16 28.75 9.86
CA ILE C 75 9.80 28.61 11.16
C ILE C 75 11.19 29.22 11.06
N ASN C 76 11.39 30.34 11.75
CA ASN C 76 12.66 31.01 11.80
C ASN C 76 13.53 30.43 12.91
N ASN C 77 14.85 30.43 12.70
CA ASN C 77 15.78 30.01 13.73
C ASN C 77 15.37 28.67 14.34
N VAL C 78 15.25 27.66 13.49
CA VAL C 78 14.74 26.36 13.88
C VAL C 78 15.56 25.78 15.03
N GLN C 79 14.86 25.18 15.99
CA GLN C 79 15.46 24.55 17.15
C GLN C 79 15.18 23.06 17.11
N SER C 80 15.93 22.29 17.91
CA SER C 80 15.81 20.83 17.90
C SER C 80 14.41 20.38 18.34
N GLU C 81 13.79 21.14 19.25
CA GLU C 81 12.43 20.84 19.70
C GLU C 81 11.33 21.12 18.67
N ASP C 82 11.69 21.71 17.52
CA ASP C 82 10.73 21.93 16.42
C ASP C 82 10.56 20.71 15.53
N LEU C 83 11.36 19.67 15.77
CA LEU C 83 11.19 18.37 15.13
C LEU C 83 9.79 17.85 15.36
N ALA C 84 9.06 17.61 14.28
CA ALA C 84 7.65 17.24 14.37
C ALA C 84 7.01 17.16 13.00
N ASP C 85 5.77 16.67 12.98
CA ASP C 85 4.91 16.77 11.80
C ASP C 85 4.11 18.07 11.88
N TYR C 86 3.93 18.74 10.75
CA TYR C 86 3.16 19.97 10.68
C TYR C 86 2.02 19.81 9.68
N PHE C 87 0.81 20.18 10.12
CA PHE C 87 -0.40 20.03 9.32
C PHE C 87 -1.11 21.37 9.17
N CYS C 88 -1.57 21.68 7.96
CA CYS C 88 -2.49 22.79 7.76
C CYS C 88 -3.93 22.30 7.81
N GLN C 89 -4.87 23.24 7.88
CA GLN C 89 -6.29 22.91 7.94
C GLN C 89 -7.11 24.12 7.51
N GLN C 90 -8.19 23.87 6.77
CA GLN C 90 -9.13 24.93 6.38
C GLN C 90 -10.41 24.81 7.19
N TYR C 91 -11.05 25.96 7.48
CA TYR C 91 -12.36 25.95 8.10
C TYR C 91 -13.36 26.89 7.41
N THR C 92 -13.24 27.02 6.09
CA THR C 92 -14.23 27.71 5.28
C THR C 92 -15.46 26.80 5.08
N SER C 93 -15.23 25.49 5.01
CA SER C 93 -16.29 24.53 4.76
C SER C 93 -16.07 23.23 5.54
N TYR C 94 -17.09 22.80 6.28
CA TYR C 94 -17.04 21.53 7.02
C TYR C 94 -17.33 20.37 6.05
N PRO C 95 -16.60 19.25 6.13
CA PRO C 95 -15.56 18.97 7.13
C PRO C 95 -14.31 19.84 7.00
N PHE C 96 -13.75 20.25 8.13
CA PHE C 96 -12.59 21.14 8.15
C PHE C 96 -11.32 20.34 7.85
N THR C 97 -11.15 20.01 6.59
CA THR C 97 -10.15 19.06 6.13
C THR C 97 -8.71 19.46 6.47
N PHE C 98 -7.90 18.45 6.81
CA PHE C 98 -6.49 18.63 7.14
C PHE C 98 -5.61 18.37 5.93
N GLY C 99 -4.44 19.01 5.91
CA GLY C 99 -3.40 18.70 4.94
C GLY C 99 -2.77 17.35 5.24
N SER C 100 -1.99 16.83 4.29
CA SER C 100 -1.40 15.49 4.41
C SER C 100 -0.22 15.42 5.39
N GLY C 101 0.38 16.55 5.73
CA GLY C 101 1.44 16.61 6.73
C GLY C 101 2.84 16.73 6.15
N THR C 102 3.71 17.42 6.88
CA THR C 102 5.12 17.58 6.52
C THR C 102 5.98 17.36 7.76
N LYS C 103 6.85 16.37 7.72
CA LYS C 103 7.75 16.09 8.84
C LYS C 103 9.03 16.90 8.68
N LEU C 104 9.38 17.61 9.74
CA LEU C 104 10.57 18.41 9.79
C LEU C 104 11.52 17.65 10.66
N GLU C 105 12.75 17.45 10.17
CA GLU C 105 13.79 16.84 10.98
C GLU C 105 15.04 17.70 10.95
N ILE C 106 15.91 17.45 11.91
CA ILE C 106 17.01 18.36 12.21
C ILE C 106 18.38 17.87 11.73
N LYS C 107 19.14 18.75 11.07
CA LYS C 107 20.52 18.46 10.68
C LYS C 107 21.52 18.86 11.76
N ARG C 108 22.42 17.93 12.11
CA ARG C 108 23.41 18.11 13.18
C ARG C 108 24.76 17.56 12.74
N ALA C 109 25.78 17.73 13.58
CA ALA C 109 27.10 17.16 13.33
C ALA C 109 27.04 15.63 13.34
N ASP C 110 27.92 15.00 12.60
CA ASP C 110 27.96 13.53 12.56
C ASP C 110 28.29 12.95 13.94
N ALA C 111 27.72 11.79 14.24
CA ALA C 111 27.96 11.09 15.51
C ALA C 111 27.91 9.57 15.32
N ALA C 112 28.92 8.87 15.82
CA ALA C 112 29.02 7.42 15.65
C ALA C 112 28.07 6.69 16.60
N PRO C 113 27.55 5.53 16.18
CA PRO C 113 26.65 4.75 17.03
C PRO C 113 27.38 4.00 18.14
N THR C 114 26.77 3.97 19.31
CA THR C 114 27.24 3.13 20.42
C THR C 114 26.58 1.77 20.27
N VAL C 115 27.38 0.75 19.97
CA VAL C 115 26.86 -0.59 19.69
C VAL C 115 27.03 -1.53 20.88
N SER C 116 25.97 -2.29 21.19
CA SER C 116 26.00 -3.31 22.23
C SER C 116 25.18 -4.51 21.78
N ILE C 117 25.71 -5.72 22.02
CA ILE C 117 25.05 -6.96 21.57
C ILE C 117 24.58 -7.77 22.77
N PHE C 118 23.47 -8.50 22.60
CA PHE C 118 22.84 -9.25 23.68
C PHE C 118 22.42 -10.65 23.23
N PRO C 119 23.05 -11.68 23.80
CA PRO C 119 22.60 -13.06 23.53
C PRO C 119 21.20 -13.32 24.08
N PRO C 120 20.58 -14.45 23.67
CA PRO C 120 19.29 -14.83 24.24
C PRO C 120 19.33 -14.96 25.75
N SER C 121 18.25 -14.53 26.42
CA SER C 121 18.13 -14.65 27.87
C SER C 121 17.91 -16.10 28.26
N SER C 122 18.32 -16.44 29.49
CA SER C 122 18.12 -17.80 30.02
C SER C 122 16.66 -18.21 29.93
N GLU C 123 15.77 -17.31 30.32
CA GLU C 123 14.33 -17.59 30.34
C GLU C 123 13.75 -17.83 28.94
N GLN C 124 14.27 -17.14 27.92
CA GLN C 124 13.82 -17.38 26.55
C GLN C 124 14.26 -18.77 26.06
N LEU C 125 15.51 -19.14 26.38
CA LEU C 125 16.05 -20.44 26.00
C LEU C 125 15.23 -21.59 26.62
N THR C 126 14.78 -21.41 27.85
CA THR C 126 13.92 -22.39 28.51
C THR C 126 12.56 -22.54 27.81
N SER C 127 12.02 -21.41 27.33
CA SER C 127 10.74 -21.41 26.61
C SER C 127 10.84 -21.97 25.18
N GLY C 128 12.06 -22.18 24.69
CA GLY C 128 12.29 -22.82 23.40
C GLY C 128 12.61 -21.88 22.25
N GLY C 129 12.87 -20.61 22.56
CA GLY C 129 13.21 -19.60 21.56
C GLY C 129 14.63 -19.08 21.72
N ALA C 130 15.07 -18.26 20.77
CA ALA C 130 16.41 -17.68 20.80
C ALA C 130 16.51 -16.43 19.92
N SER C 131 16.52 -15.26 20.54
CA SER C 131 16.66 -13.99 19.82
C SER C 131 17.95 -13.29 20.22
N VAL C 132 18.71 -12.83 19.22
CA VAL C 132 19.93 -12.07 19.46
C VAL C 132 19.64 -10.61 19.12
N VAL C 133 19.89 -9.72 20.09
CA VAL C 133 19.54 -8.31 19.95
C VAL C 133 20.79 -7.44 19.88
N CYS C 134 20.72 -6.42 19.03
CA CYS C 134 21.80 -5.46 18.87
C CYS C 134 21.22 -4.05 18.89
N PHE C 135 21.68 -3.23 19.85
CA PHE C 135 21.29 -1.82 19.90
C PHE C 135 22.38 -0.95 19.30
N LEU C 136 21.97 0.01 18.49
CA LEU C 136 22.89 1.00 17.92
C LEU C 136 22.34 2.37 18.29
N ASN C 137 22.93 3.00 19.31
CA ASN C 137 22.33 4.17 19.94
C ASN C 137 23.03 5.50 19.67
N ASN C 138 22.21 6.55 19.54
CA ASN C 138 22.67 7.94 19.48
C ASN C 138 23.64 8.25 18.33
N PHE C 139 23.19 8.02 17.10
CA PHE C 139 24.01 8.30 15.91
C PHE C 139 23.35 9.29 14.97
N TYR C 140 24.17 9.94 14.15
CA TYR C 140 23.71 10.79 13.06
C TYR C 140 24.76 10.76 11.95
N PRO C 141 24.37 10.66 10.68
CA PRO C 141 22.99 10.73 10.20
C PRO C 141 22.20 9.44 10.28
N LYS C 142 20.93 9.51 9.88
CA LYS C 142 19.99 8.39 9.96
C LYS C 142 20.46 7.17 9.18
N ASP C 143 21.06 7.39 8.02
CA ASP C 143 21.53 6.30 7.16
C ASP C 143 22.50 5.38 7.91
N ILE C 144 22.15 4.10 7.98
CA ILE C 144 23.00 3.11 8.62
C ILE C 144 22.66 1.70 8.12
N ASN C 145 23.65 0.82 8.12
CA ASN C 145 23.46 -0.55 7.65
C ASN C 145 24.00 -1.54 8.69
N VAL C 146 23.18 -2.53 9.01
CA VAL C 146 23.54 -3.54 9.99
C VAL C 146 23.61 -4.91 9.31
N LYS C 147 24.71 -5.62 9.54
CA LYS C 147 24.91 -6.98 9.04
C LYS C 147 25.05 -7.95 10.19
N TRP C 148 24.33 -9.06 10.10
CA TRP C 148 24.47 -10.16 11.04
C TRP C 148 25.30 -11.26 10.41
N LYS C 149 26.24 -11.81 11.16
CA LYS C 149 27.03 -12.95 10.72
C LYS C 149 26.99 -14.07 11.76
N ILE C 150 26.93 -15.31 11.27
CA ILE C 150 26.96 -16.49 12.12
C ILE C 150 28.10 -17.39 11.62
N ASP C 151 29.12 -17.56 12.45
CA ASP C 151 30.33 -18.29 12.06
C ASP C 151 30.91 -17.78 10.74
N GLY C 152 30.93 -16.46 10.58
CA GLY C 152 31.54 -15.82 9.41
C GLY C 152 30.66 -15.61 8.19
N SER C 153 29.50 -16.26 8.15
CA SER C 153 28.60 -16.15 6.99
C SER C 153 27.45 -15.20 7.30
N GLU C 154 27.14 -14.34 6.33
CA GLU C 154 26.08 -13.35 6.49
C GLU C 154 24.73 -14.04 6.62
N ARG C 155 23.87 -13.46 7.46
CA ARG C 155 22.54 -14.00 7.74
C ARG C 155 21.51 -12.89 7.48
N GLN C 156 20.60 -13.13 6.55
CA GLN C 156 19.68 -12.09 6.09
C GLN C 156 18.24 -12.27 6.60
N ASN C 157 17.73 -13.50 6.52
CA ASN C 157 16.38 -13.81 6.98
C ASN C 157 16.29 -13.82 8.51
N GLY C 158 15.14 -13.39 9.03
CA GLY C 158 14.89 -13.37 10.47
C GLY C 158 15.38 -12.10 11.16
N VAL C 159 15.66 -11.06 10.37
CA VAL C 159 16.21 -9.80 10.88
C VAL C 159 15.19 -8.68 10.81
N LEU C 160 14.95 -8.01 11.93
CA LEU C 160 14.04 -6.87 12.00
C LEU C 160 14.75 -5.66 12.58
N ASN C 161 14.73 -4.55 11.84
CA ASN C 161 15.39 -3.32 12.26
C ASN C 161 14.40 -2.21 12.54
N SER C 162 14.43 -1.68 13.76
CA SER C 162 13.47 -0.68 14.21
C SER C 162 14.17 0.61 14.62
N TRP C 163 13.86 1.72 13.94
CA TRP C 163 14.43 3.03 14.28
C TRP C 163 13.54 3.78 15.26
N THR C 164 14.14 4.52 16.18
CA THR C 164 13.41 5.49 16.99
C THR C 164 13.22 6.75 16.19
N ASP C 165 12.27 7.57 16.60
CA ASP C 165 12.15 8.91 16.06
C ASP C 165 13.37 9.71 16.51
N GLN C 166 13.69 10.77 15.78
CA GLN C 166 14.82 11.62 16.13
C GLN C 166 14.62 12.20 17.53
N ASP C 167 15.70 12.29 18.30
CA ASP C 167 15.62 12.79 19.68
C ASP C 167 15.43 14.31 19.68
N SER C 168 14.53 14.81 20.52
CA SER C 168 14.22 16.23 20.55
C SER C 168 15.33 17.09 21.18
N LYS C 169 16.17 16.46 22.00
CA LYS C 169 17.27 17.16 22.69
C LYS C 169 18.54 17.20 21.84
N ASP C 170 19.10 16.02 21.53
CA ASP C 170 20.39 15.94 20.84
C ASP C 170 20.28 15.65 19.34
N SER C 171 19.07 15.46 18.83
CA SER C 171 18.82 15.26 17.39
C SER C 171 19.46 13.99 16.80
N THR C 172 19.71 12.98 17.63
CA THR C 172 20.28 11.72 17.16
C THR C 172 19.21 10.65 16.93
N TYR C 173 19.61 9.57 16.27
CA TYR C 173 18.77 8.40 16.07
C TYR C 173 19.34 7.20 16.80
N SER C 174 18.47 6.26 17.14
CA SER C 174 18.88 4.98 17.68
C SER C 174 18.17 3.88 16.91
N MET C 175 18.79 2.70 16.84
CA MET C 175 18.25 1.59 16.06
C MET C 175 18.38 0.28 16.83
N SER C 176 17.37 -0.57 16.68
CA SER C 176 17.37 -1.89 17.27
C SER C 176 17.33 -2.94 16.16
N SER C 177 18.29 -3.87 16.19
CA SER C 177 18.33 -4.98 15.22
C SER C 177 18.21 -6.31 15.95
N THR C 178 17.22 -7.10 15.57
CA THR C 178 16.92 -8.35 16.25
C THR C 178 17.00 -9.52 15.27
N LEU C 179 17.89 -10.47 15.57
CA LEU C 179 18.00 -11.71 14.81
C LEU C 179 17.23 -12.79 15.55
N THR C 180 16.13 -13.25 14.96
CA THR C 180 15.31 -14.31 15.53
C THR C 180 15.74 -15.67 14.98
N LEU C 181 16.04 -16.59 15.88
CA LEU C 181 16.45 -17.95 15.53
C LEU C 181 15.64 -18.97 16.31
N THR C 182 15.66 -20.22 15.86
CA THR C 182 15.16 -21.32 16.66
C THR C 182 16.25 -21.69 17.67
N LYS C 183 15.84 -22.33 18.77
CA LYS C 183 16.78 -22.73 19.82
C LYS C 183 17.85 -23.68 19.29
N ASP C 184 17.43 -24.70 18.55
CA ASP C 184 18.35 -25.71 18.00
C ASP C 184 19.36 -25.07 17.04
N GLU C 185 18.95 -24.01 16.33
CA GLU C 185 19.86 -23.29 15.45
C GLU C 185 20.87 -22.46 16.25
N TYR C 186 20.39 -21.75 17.26
CA TYR C 186 21.27 -20.97 18.13
C TYR C 186 22.32 -21.86 18.81
N GLU C 187 21.90 -23.02 19.29
CA GLU C 187 22.79 -23.93 20.01
C GLU C 187 23.78 -24.70 19.12
N ARG C 188 23.55 -24.70 17.80
CA ARG C 188 24.46 -25.34 16.85
C ARG C 188 25.68 -24.48 16.55
N HIS C 189 25.43 -23.23 16.18
CA HIS C 189 26.51 -22.33 15.78
C HIS C 189 27.19 -21.70 16.99
N ASN C 190 28.37 -21.15 16.76
CA ASN C 190 29.23 -20.64 17.82
C ASN C 190 29.31 -19.12 17.90
N SER C 191 29.77 -18.48 16.83
CA SER C 191 30.01 -17.03 16.81
C SER C 191 28.81 -16.25 16.28
N TYR C 192 28.48 -15.17 16.97
CA TYR C 192 27.38 -14.28 16.56
C TYR C 192 27.87 -12.84 16.54
N THR C 193 27.69 -12.16 15.42
CA THR C 193 28.29 -10.85 15.18
C THR C 193 27.29 -9.84 14.66
N CYS C 194 27.42 -8.61 15.17
CA CYS C 194 26.62 -7.48 14.74
C CYS C 194 27.56 -6.43 14.15
N GLU C 195 27.49 -6.22 12.83
CA GLU C 195 28.36 -5.26 12.13
C GLU C 195 27.60 -4.02 11.66
N ALA C 196 28.02 -2.86 12.12
CA ALA C 196 27.37 -1.60 11.76
C ALA C 196 28.23 -0.78 10.81
N THR C 197 27.66 -0.41 9.66
CA THR C 197 28.33 0.44 8.68
C THR C 197 27.68 1.82 8.69
N HIS C 198 28.49 2.84 8.92
CA HIS C 198 28.03 4.21 9.09
C HIS C 198 29.07 5.16 8.51
N LYS C 199 28.64 6.34 8.09
CA LYS C 199 29.57 7.26 7.41
C LYS C 199 30.66 7.85 8.32
N THR C 200 30.49 7.72 9.64
CA THR C 200 31.48 8.20 10.62
C THR C 200 32.75 7.35 10.70
N SER C 201 32.76 6.18 10.06
CA SER C 201 33.94 5.33 10.03
C SER C 201 34.08 4.60 8.70
N THR C 202 35.32 4.48 8.22
CA THR C 202 35.63 3.72 7.02
C THR C 202 35.44 2.23 7.31
N SER C 203 35.86 1.82 8.50
CA SER C 203 35.69 0.44 8.96
C SER C 203 34.33 0.29 9.66
N PRO C 204 33.70 -0.89 9.51
CA PRO C 204 32.46 -1.13 10.24
C PRO C 204 32.70 -1.40 11.73
N ILE C 205 31.78 -0.96 12.58
CA ILE C 205 31.84 -1.24 14.01
C ILE C 205 31.33 -2.65 14.26
N VAL C 206 32.14 -3.46 14.94
CA VAL C 206 31.86 -4.88 15.12
C VAL C 206 31.70 -5.23 16.60
N LYS C 207 30.55 -5.81 16.94
CA LYS C 207 30.31 -6.36 18.27
C LYS C 207 29.86 -7.81 18.15
N SER C 208 30.51 -8.70 18.89
CA SER C 208 30.24 -10.13 18.79
C SER C 208 30.44 -10.87 20.11
N PHE C 209 29.96 -12.11 20.14
CA PHE C 209 30.16 -13.00 21.27
C PHE C 209 30.18 -14.45 20.80
N ASN C 210 30.73 -15.32 21.63
CA ASN C 210 30.66 -16.76 21.41
C ASN C 210 29.72 -17.38 22.43
N ARG C 211 28.85 -18.27 21.96
CA ARG C 211 27.79 -18.85 22.79
C ARG C 211 28.32 -19.55 24.05
N ASN C 212 29.38 -20.33 23.90
CA ASN C 212 29.92 -21.13 25.01
C ASN C 212 30.88 -20.39 25.93
N GLU C 213 31.19 -19.12 25.63
CA GLU C 213 32.17 -18.35 26.39
C GLU C 213 31.55 -17.53 27.52
N CYS C 214 32.41 -17.13 28.47
CA CYS C 214 32.01 -16.32 29.61
C CYS C 214 33.15 -15.42 30.08
N GLU D 1 -8.39 24.16 33.71
CA GLU D 1 -7.79 23.60 32.46
C GLU D 1 -8.72 22.60 31.80
N VAL D 2 -8.64 22.52 30.48
CA VAL D 2 -9.44 21.58 29.70
C VAL D 2 -8.76 20.21 29.68
N LYS D 3 -9.53 19.16 29.98
CA LYS D 3 -9.06 17.79 29.86
C LYS D 3 -10.07 16.97 29.06
N LEU D 4 -9.59 16.30 28.01
CA LEU D 4 -10.38 15.33 27.27
C LEU D 4 -9.67 13.99 27.35
N GLU D 5 -10.42 12.91 27.61
CA GLU D 5 -9.82 11.59 27.78
C GLU D 5 -10.68 10.50 27.15
N GLU D 6 -10.14 9.84 26.13
CA GLU D 6 -10.86 8.78 25.43
C GLU D 6 -10.76 7.45 26.17
N SER D 7 -11.64 6.53 25.83
CA SER D 7 -11.60 5.16 26.32
C SER D 7 -12.47 4.27 25.42
N GLY D 8 -12.31 2.95 25.57
CA GLY D 8 -13.11 1.98 24.83
C GLY D 8 -12.47 1.43 23.56
N GLY D 9 -11.20 1.77 23.32
CA GLY D 9 -10.48 1.24 22.16
C GLY D 9 -10.03 -0.20 22.36
N GLY D 10 -9.26 -0.72 21.41
CA GLY D 10 -8.74 -2.07 21.48
C GLY D 10 -8.96 -2.87 20.20
N LEU D 11 -8.96 -4.19 20.33
CA LEU D 11 -9.13 -5.08 19.18
C LEU D 11 -10.60 -5.35 18.89
N VAL D 12 -10.92 -5.46 17.61
CA VAL D 12 -12.26 -5.83 17.17
C VAL D 12 -12.19 -6.48 15.79
N GLN D 13 -13.04 -7.48 15.54
CA GLN D 13 -13.00 -8.22 14.27
C GLN D 13 -13.77 -7.49 13.16
N PRO D 14 -13.38 -7.74 11.89
CA PRO D 14 -14.08 -7.17 10.73
C PRO D 14 -15.58 -7.43 10.76
N GLY D 15 -16.36 -6.40 10.43
CA GLY D 15 -17.82 -6.47 10.52
C GLY D 15 -18.36 -6.26 11.93
N GLY D 16 -17.47 -6.08 12.90
CA GLY D 16 -17.86 -5.92 14.31
C GLY D 16 -18.11 -4.47 14.67
N SER D 17 -18.54 -4.24 15.91
CA SER D 17 -18.87 -2.91 16.40
C SER D 17 -18.00 -2.53 17.60
N MET D 18 -17.91 -1.23 17.84
CA MET D 18 -17.17 -0.70 18.98
C MET D 18 -17.65 0.72 19.28
N LYS D 19 -17.81 1.02 20.57
CA LYS D 19 -18.26 2.34 21.00
C LYS D 19 -17.17 3.01 21.83
N LEU D 20 -16.68 4.15 21.36
CA LEU D 20 -15.69 4.93 22.08
C LEU D 20 -16.36 5.99 22.94
N SER D 21 -15.74 6.30 24.08
CA SER D 21 -16.21 7.34 24.98
C SER D 21 -15.13 8.39 25.13
N CYS D 22 -15.52 9.60 25.47
CA CYS D 22 -14.58 10.66 25.78
C CYS D 22 -15.16 11.55 26.88
N THR D 23 -14.50 11.53 28.03
CA THR D 23 -14.94 12.32 29.19
C THR D 23 -14.23 13.67 29.13
N ALA D 24 -14.98 14.73 29.42
CA ALA D 24 -14.49 16.10 29.27
C ALA D 24 -14.65 16.88 30.56
N SER D 25 -13.73 17.83 30.78
CA SER D 25 -13.72 18.64 31.98
C SER D 25 -13.08 19.99 31.69
N GLY D 26 -13.48 21.01 32.43
CA GLY D 26 -12.88 22.35 32.33
C GLY D 26 -13.73 23.37 31.61
N PHE D 27 -14.93 22.97 31.20
CA PHE D 27 -15.85 23.87 30.51
C PHE D 27 -17.28 23.32 30.60
N THR D 28 -18.25 24.13 30.22
CA THR D 28 -19.64 23.69 30.18
C THR D 28 -19.83 22.85 28.92
N PHE D 29 -20.06 21.56 29.13
CA PHE D 29 -20.03 20.56 28.05
C PHE D 29 -20.98 20.90 26.88
N SER D 30 -22.21 21.30 27.19
CA SER D 30 -23.19 21.58 26.15
C SER D 30 -22.95 22.88 25.39
N ASP D 31 -22.08 23.76 25.90
CA ASP D 31 -21.68 24.96 25.18
C ASP D 31 -20.57 24.70 24.15
N ALA D 32 -20.05 23.48 24.11
CA ALA D 32 -18.88 23.19 23.28
C ALA D 32 -19.17 22.29 22.09
N TRP D 33 -18.47 22.57 20.99
CA TRP D 33 -18.42 21.67 19.84
CA TRP D 33 -18.44 21.67 19.85
C TRP D 33 -17.56 20.48 20.22
N MET D 34 -18.10 19.26 20.08
CA MET D 34 -17.36 18.04 20.37
C MET D 34 -17.42 17.13 19.15
N ASP D 35 -16.26 16.65 18.72
CA ASP D 35 -16.16 15.91 17.46
C ASP D 35 -15.05 14.86 17.54
N TRP D 36 -14.97 14.03 16.51
CA TRP D 36 -13.98 12.96 16.46
C TRP D 36 -13.15 13.03 15.17
N VAL D 37 -11.84 12.89 15.33
CA VAL D 37 -10.90 12.85 14.21
C VAL D 37 -10.03 11.61 14.36
N ARG D 38 -9.80 10.90 13.26
CA ARG D 38 -8.90 9.74 13.29
C ARG D 38 -7.63 10.00 12.50
N GLN D 39 -6.57 9.28 12.87
CA GLN D 39 -5.29 9.40 12.19
C GLN D 39 -4.73 8.02 11.88
N SER D 40 -4.31 7.84 10.64
CA SER D 40 -3.58 6.64 10.23
C SER D 40 -2.43 7.05 9.31
N PRO D 41 -1.40 6.20 9.19
CA PRO D 41 -0.32 6.49 8.26
C PRO D 41 -0.78 6.59 6.80
N GLU D 42 -1.78 5.79 6.43
CA GLU D 42 -2.30 5.76 5.07
C GLU D 42 -3.11 7.01 4.72
N LYS D 43 -4.14 7.31 5.50
CA LYS D 43 -5.09 8.39 5.19
C LYS D 43 -4.80 9.72 5.87
N GLY D 44 -3.87 9.74 6.83
CA GLY D 44 -3.59 10.96 7.58
C GLY D 44 -4.72 11.32 8.52
N LEU D 45 -4.93 12.62 8.75
CA LEU D 45 -5.98 13.10 9.65
C LEU D 45 -7.32 13.23 8.93
N GLU D 46 -8.34 12.55 9.47
CA GLU D 46 -9.68 12.54 8.89
C GLU D 46 -10.73 12.81 9.96
N TRP D 47 -11.64 13.73 9.68
CA TRP D 47 -12.85 13.85 10.49
C TRP D 47 -13.69 12.60 10.24
N VAL D 48 -14.28 12.06 11.29
CA VAL D 48 -15.15 10.89 11.17
C VAL D 48 -16.24 11.06 10.09
N ALA D 49 -16.70 12.28 9.88
CA ALA D 49 -17.69 12.58 8.84
C ALA D 49 -17.17 12.38 7.41
N GLU D 50 -15.85 12.45 7.22
CA GLU D 50 -15.24 12.21 5.90
C GLU D 50 -15.27 10.74 5.46
N ILE D 51 -15.40 9.83 6.42
CA ILE D 51 -15.29 8.40 6.15
C ILE D 51 -16.54 7.88 5.46
N GLY D 68 -23.24 6.68 8.18
CA GLY D 68 -23.86 5.39 8.49
C GLY D 68 -23.03 4.57 9.47
N ARG D 69 -21.76 4.38 9.16
CA ARG D 69 -20.88 3.51 9.96
C ARG D 69 -20.30 4.20 11.20
N PHE D 70 -20.22 5.53 11.18
CA PHE D 70 -19.67 6.29 12.30
C PHE D 70 -20.66 7.35 12.78
N THR D 71 -21.18 7.17 13.99
CA THR D 71 -22.23 8.04 14.53
C THR D 71 -21.84 8.65 15.88
N ILE D 72 -21.93 9.97 15.97
CA ILE D 72 -21.63 10.69 17.20
C ILE D 72 -22.90 10.89 18.03
N SER D 73 -22.79 10.69 19.34
CA SER D 73 -23.86 10.98 20.28
C SER D 73 -23.28 11.51 21.59
N ARG D 74 -24.15 11.93 22.51
CA ARG D 74 -23.73 12.41 23.83
C ARG D 74 -24.55 11.74 24.92
N ASP D 75 -23.99 11.72 26.13
CA ASP D 75 -24.69 11.19 27.29
C ASP D 75 -25.85 12.12 27.67
N ASP D 76 -26.90 11.55 28.26
CA ASP D 76 -28.06 12.33 28.70
C ASP D 76 -27.67 13.44 29.68
N SER D 77 -26.79 13.13 30.63
CA SER D 77 -26.44 14.06 31.70
C SER D 77 -24.94 14.34 31.81
N LYS D 78 -24.12 13.31 31.73
CA LYS D 78 -22.67 13.43 31.99
C LYS D 78 -21.91 14.14 30.88
N ASN D 79 -20.71 14.62 31.19
CA ASN D 79 -19.82 15.24 30.21
C ASN D 79 -19.12 14.20 29.35
N ILE D 80 -19.90 13.43 28.58
CA ILE D 80 -19.36 12.36 27.75
C ILE D 80 -19.92 12.43 26.34
N VAL D 81 -19.01 12.40 25.37
CA VAL D 81 -19.37 12.24 23.95
C VAL D 81 -18.97 10.83 23.51
N TYR D 82 -19.78 10.22 22.65
CA TYR D 82 -19.56 8.86 22.20
C TYR D 82 -19.33 8.80 20.69
N LEU D 83 -18.63 7.77 20.25
CA LEU D 83 -18.50 7.45 18.83
C LEU D 83 -18.85 5.98 18.64
N GLN D 84 -20.01 5.72 18.03
CA GLN D 84 -20.44 4.36 17.73
C GLN D 84 -19.92 4.00 16.35
N MET D 85 -19.13 2.93 16.27
CA MET D 85 -18.53 2.48 15.02
C MET D 85 -19.08 1.10 14.67
N ASN D 86 -19.64 0.96 13.47
CA ASN D 86 -20.24 -0.31 13.02
C ASN D 86 -19.65 -0.80 11.70
N SER D 87 -19.79 -2.11 11.45
CA SER D 87 -19.33 -2.74 10.22
C SER D 87 -17.88 -2.34 9.89
N LEU D 88 -17.00 -2.52 10.87
CA LEU D 88 -15.62 -2.07 10.75
C LEU D 88 -14.82 -2.92 9.77
N ARG D 89 -13.84 -2.29 9.12
CA ARG D 89 -12.95 -2.96 8.18
C ARG D 89 -11.51 -2.74 8.63
N PRO D 90 -10.57 -3.55 8.13
CA PRO D 90 -9.15 -3.36 8.45
C PRO D 90 -8.64 -1.94 8.21
N GLU D 91 -9.12 -1.30 7.15
CA GLU D 91 -8.74 0.08 6.82
C GLU D 91 -9.16 1.12 7.87
N ASP D 92 -10.12 0.77 8.73
CA ASP D 92 -10.53 1.66 9.82
C ASP D 92 -9.57 1.63 11.01
N THR D 93 -8.55 0.79 10.95
CA THR D 93 -7.51 0.75 11.97
C THR D 93 -6.80 2.10 12.06
N GLY D 94 -6.58 2.56 13.29
CA GLY D 94 -5.91 3.84 13.51
C GLY D 94 -6.18 4.42 14.88
N ILE D 95 -5.71 5.65 15.09
CA ILE D 95 -5.88 6.34 16.36
C ILE D 95 -7.05 7.31 16.25
N TYR D 96 -7.98 7.20 17.18
CA TYR D 96 -9.19 8.01 17.16
C TYR D 96 -9.14 9.05 18.27
N TYR D 97 -9.15 10.32 17.86
CA TYR D 97 -9.07 11.44 18.78
C TYR D 97 -10.44 12.06 19.03
N CYS D 98 -10.70 12.32 20.31
CA CYS D 98 -11.80 13.17 20.73
C CYS D 98 -11.27 14.60 20.70
N THR D 99 -12.08 15.54 20.23
CA THR D 99 -11.63 16.92 20.12
C THR D 99 -12.75 17.95 20.31
N SER D 100 -12.40 19.07 20.93
CA SER D 100 -13.23 20.27 20.93
C SER D 100 -12.46 21.30 20.11
N PRO D 101 -12.81 21.42 18.82
CA PRO D 101 -11.95 22.19 17.92
C PRO D 101 -11.77 23.65 18.34
N PHE D 102 -10.63 24.26 18.03
CA PHE D 102 -9.53 23.63 17.30
C PHE D 102 -8.37 23.20 18.21
N ALA D 103 -8.33 23.75 19.42
CA ALA D 103 -7.14 23.65 20.27
C ALA D 103 -7.11 22.42 21.17
N TYR D 104 -8.27 21.82 21.45
CA TYR D 104 -8.36 20.80 22.49
C TYR D 104 -8.54 19.39 21.93
N TRP D 105 -7.62 18.51 22.33
CA TRP D 105 -7.55 17.15 21.82
C TRP D 105 -7.32 16.20 22.98
N GLY D 106 -7.88 15.00 22.89
CA GLY D 106 -7.55 13.94 23.83
C GLY D 106 -6.21 13.30 23.49
N GLN D 107 -5.87 12.23 24.21
CA GLN D 107 -4.61 11.53 24.00
C GLN D 107 -4.68 10.62 22.77
N GLY D 108 -5.91 10.25 22.38
CA GLY D 108 -6.13 9.34 21.27
C GLY D 108 -6.17 7.90 21.75
N THR D 109 -7.07 7.11 21.17
CA THR D 109 -7.17 5.69 21.52
C THR D 109 -7.07 4.84 20.26
N LEU D 110 -6.28 3.77 20.36
CA LEU D 110 -5.99 2.92 19.21
C LEU D 110 -7.13 1.92 18.99
N VAL D 111 -7.62 1.87 17.75
CA VAL D 111 -8.62 0.89 17.34
C VAL D 111 -7.98 0.00 16.30
N THR D 112 -7.94 -1.30 16.56
CA THR D 112 -7.35 -2.27 15.65
C THR D 112 -8.44 -3.19 15.14
N VAL D 113 -8.66 -3.19 13.82
CA VAL D 113 -9.67 -4.02 13.20
C VAL D 113 -8.97 -5.18 12.47
N SER D 114 -9.08 -6.39 13.03
CA SER D 114 -8.40 -7.55 12.46
C SER D 114 -9.02 -8.87 12.93
N ALA D 115 -8.93 -9.89 12.09
CA ALA D 115 -9.44 -11.21 12.44
C ALA D 115 -8.48 -11.97 13.36
N ALA D 116 -7.23 -11.50 13.44
CA ALA D 116 -6.20 -12.17 14.24
C ALA D 116 -6.50 -12.08 15.74
N LYS D 117 -6.15 -13.13 16.47
CA LYS D 117 -6.47 -13.23 17.91
C LYS D 117 -5.54 -12.47 18.89
N THR D 118 -6.09 -12.10 20.04
CA THR D 118 -5.34 -11.42 21.10
C THR D 118 -4.27 -12.35 21.70
N THR D 119 -3.02 -11.87 21.75
CA THR D 119 -1.89 -12.65 22.27
C THR D 119 -1.05 -11.80 23.23
N ALA D 120 -0.77 -12.34 24.41
CA ALA D 120 0.05 -11.65 25.40
C ALA D 120 1.53 -11.68 24.98
N PRO D 121 2.29 -10.65 25.41
CA PRO D 121 3.71 -10.60 25.07
C PRO D 121 4.55 -11.53 25.94
N SER D 122 5.61 -12.08 25.35
CA SER D 122 6.67 -12.70 26.12
C SER D 122 7.71 -11.62 26.39
N VAL D 123 8.08 -11.45 27.66
CA VAL D 123 9.03 -10.41 28.06
C VAL D 123 10.32 -11.05 28.52
N TYR D 124 11.43 -10.67 27.88
CA TYR D 124 12.74 -11.24 28.19
C TYR D 124 13.73 -10.14 28.59
N PRO D 125 14.49 -10.37 29.69
CA PRO D 125 15.52 -9.42 30.09
C PRO D 125 16.79 -9.60 29.28
N LEU D 126 17.44 -8.49 28.93
CA LEU D 126 18.69 -8.53 28.17
C LEU D 126 19.83 -7.94 28.99
N ALA D 127 20.56 -8.81 29.68
CA ALA D 127 21.75 -8.40 30.43
C ALA D 127 22.95 -8.41 29.49
N PRO D 128 24.02 -7.65 29.83
CA PRO D 128 25.19 -7.55 28.95
C PRO D 128 25.88 -8.88 28.68
N VAL D 129 26.80 -8.88 27.72
CA VAL D 129 27.59 -10.07 27.40
C VAL D 129 28.28 -10.60 28.66
N CYS D 130 28.33 -11.93 28.76
CA CYS D 130 28.82 -12.60 29.97
C CYS D 130 30.28 -12.24 30.30
N GLY D 131 31.10 -12.08 29.27
CA GLY D 131 32.50 -11.66 29.43
C GLY D 131 32.71 -10.42 30.29
N GLY D 132 31.89 -9.39 30.05
CA GLY D 132 32.03 -8.14 30.81
C GLY D 132 33.16 -7.20 30.37
N THR D 133 33.50 -7.22 29.08
CA THR D 133 34.47 -6.29 28.51
C THR D 133 33.81 -4.93 28.26
N THR D 134 33.63 -4.17 29.34
CA THR D 134 32.80 -2.95 29.31
C THR D 134 33.54 -1.72 29.86
N GLY D 135 33.08 -0.54 29.45
CA GLY D 135 33.75 0.72 29.77
C GLY D 135 33.09 1.43 30.94
N SER D 136 32.94 2.75 30.81
CA SER D 136 32.41 3.60 31.88
C SER D 136 30.88 3.50 32.07
N SER D 137 30.15 3.21 30.99
CA SER D 137 28.71 3.00 31.06
C SER D 137 28.35 1.55 30.74
N VAL D 138 27.12 1.16 31.10
CA VAL D 138 26.62 -0.18 30.82
C VAL D 138 25.19 -0.08 30.28
N THR D 139 24.91 -0.83 29.22
CA THR D 139 23.61 -0.79 28.57
C THR D 139 22.87 -2.11 28.79
N LEU D 140 21.63 -2.01 29.24
CA LEU D 140 20.75 -3.14 29.46
C LEU D 140 19.57 -3.06 28.49
N GLY D 141 18.86 -4.17 28.33
CA GLY D 141 17.73 -4.22 27.41
C GLY D 141 16.54 -5.01 27.92
N CYS D 142 15.41 -4.85 27.25
CA CYS D 142 14.17 -5.55 27.58
C CYS D 142 13.44 -5.86 26.28
N LEU D 143 13.32 -7.14 25.94
CA LEU D 143 12.70 -7.57 24.69
C LEU D 143 11.25 -8.00 24.92
N VAL D 144 10.33 -7.38 24.18
CA VAL D 144 8.92 -7.71 24.25
C VAL D 144 8.49 -8.31 22.92
N LYS D 145 8.15 -9.59 22.92
CA LYS D 145 7.99 -10.35 21.67
C LYS D 145 6.64 -11.06 21.55
N GLY D 146 6.07 -11.02 20.35
CA GLY D 146 4.92 -11.85 20.00
C GLY D 146 3.61 -11.44 20.64
N TYR D 147 3.27 -10.16 20.58
CA TYR D 147 2.01 -9.68 21.13
C TYR D 147 1.10 -9.12 20.04
N PHE D 148 -0.19 -9.06 20.37
CA PHE D 148 -1.21 -8.49 19.51
C PHE D 148 -2.49 -8.28 20.33
N PRO D 149 -3.18 -7.15 20.17
CA PRO D 149 -2.80 -6.06 19.29
C PRO D 149 -1.86 -5.06 19.95
N GLU D 150 -1.56 -3.99 19.22
CA GLU D 150 -0.90 -2.82 19.77
C GLU D 150 -1.94 -2.13 20.69
N PRO D 151 -1.54 -1.42 21.75
CA PRO D 151 -0.16 -1.14 22.10
C PRO D 151 0.27 -1.81 23.39
N VAL D 152 1.56 -1.69 23.69
CA VAL D 152 2.11 -2.05 24.98
C VAL D 152 2.78 -0.82 25.57
N THR D 153 2.82 -0.72 26.89
CA THR D 153 3.55 0.36 27.56
C THR D 153 4.73 -0.23 28.32
N LEU D 154 5.91 0.34 28.11
CA LEU D 154 7.14 -0.14 28.73
C LEU D 154 7.80 0.99 29.51
N THR D 155 8.09 0.73 30.78
CA THR D 155 8.82 1.67 31.64
C THR D 155 9.94 0.95 32.36
N TRP D 156 10.78 1.70 33.05
CA TRP D 156 11.86 1.14 33.86
C TRP D 156 11.71 1.60 35.31
N ASN D 157 11.67 0.64 36.24
CA ASN D 157 11.54 0.91 37.67
C ASN D 157 10.33 1.78 38.02
N SER D 158 9.17 1.41 37.48
CA SER D 158 7.93 2.15 37.71
C SER D 158 7.95 3.58 37.16
N GLY D 159 8.77 3.81 36.15
CA GLY D 159 8.94 5.13 35.54
C GLY D 159 9.93 6.05 36.23
N SER D 160 10.60 5.54 37.27
CA SER D 160 11.56 6.35 38.03
C SER D 160 12.85 6.58 37.24
N LEU D 161 13.17 5.66 36.33
CA LEU D 161 14.37 5.74 35.50
C LEU D 161 13.99 6.10 34.06
N SER D 162 14.01 7.38 33.75
CA SER D 162 13.62 7.90 32.43
C SER D 162 14.80 8.32 31.56
N SER D 163 15.88 8.78 32.19
CA SER D 163 17.07 9.24 31.44
C SER D 163 17.83 8.08 30.83
N GLY D 164 18.41 8.33 29.64
CA GLY D 164 19.22 7.33 28.94
C GLY D 164 18.44 6.14 28.43
N VAL D 165 17.15 6.35 28.15
CA VAL D 165 16.25 5.28 27.70
C VAL D 165 15.92 5.45 26.23
N HIS D 166 15.91 4.34 25.50
CA HIS D 166 15.43 4.31 24.12
C HIS D 166 14.46 3.14 23.96
N THR D 167 13.17 3.46 23.87
CA THR D 167 12.15 2.47 23.56
C THR D 167 11.86 2.56 22.07
N PHE D 168 12.06 1.45 21.37
CA PHE D 168 11.99 1.41 19.91
C PHE D 168 10.59 1.06 19.45
N PRO D 169 10.12 1.69 18.35
CA PRO D 169 8.79 1.38 17.83
C PRO D 169 8.62 -0.09 17.47
N ALA D 170 7.41 -0.61 17.66
CA ALA D 170 7.11 -2.00 17.39
C ALA D 170 7.07 -2.28 15.89
N LEU D 171 7.54 -3.46 15.50
CA LEU D 171 7.45 -3.91 14.12
C LEU D 171 6.72 -5.25 14.07
N LEU D 172 6.10 -5.51 12.93
CA LEU D 172 5.30 -6.71 12.73
C LEU D 172 6.18 -7.85 12.24
N GLN D 173 6.16 -8.98 12.94
CA GLN D 173 6.84 -10.21 12.52
C GLN D 173 5.84 -11.36 12.45
N SER D 174 5.87 -12.09 11.34
CA SER D 174 4.80 -13.02 11.00
C SER D 174 3.54 -12.19 11.15
N GLY D 175 2.70 -12.49 12.14
CA GLY D 175 1.49 -11.70 12.40
C GLY D 175 1.45 -11.09 13.78
N LEU D 176 2.60 -10.95 14.43
CA LEU D 176 2.66 -10.48 15.81
C LEU D 176 3.70 -9.38 15.97
N TYR D 177 3.45 -8.48 16.92
CA TYR D 177 4.32 -7.33 17.14
C TYR D 177 5.48 -7.68 18.08
N THR D 178 6.62 -7.04 17.84
CA THR D 178 7.80 -7.18 18.68
C THR D 178 8.45 -5.81 18.84
N LEU D 179 8.82 -5.47 20.07
CA LEU D 179 9.60 -4.27 20.33
C LEU D 179 10.61 -4.52 21.42
N SER D 180 11.62 -3.64 21.48
CA SER D 180 12.65 -3.71 22.50
C SER D 180 12.85 -2.34 23.11
N SER D 181 13.59 -2.29 24.21
CA SER D 181 13.94 -1.04 24.88
C SER D 181 15.30 -1.17 25.51
N SER D 182 16.12 -0.14 25.35
CA SER D 182 17.44 -0.11 25.97
C SER D 182 17.48 0.97 27.06
N VAL D 183 18.31 0.75 28.06
CA VAL D 183 18.53 1.72 29.12
C VAL D 183 20.02 1.73 29.46
N THR D 184 20.59 2.92 29.56
CA THR D 184 22.03 3.07 29.79
C THR D 184 22.28 3.84 31.08
N VAL D 185 23.18 3.31 31.90
CA VAL D 185 23.54 3.92 33.19
C VAL D 185 25.03 3.77 33.45
N THR D 186 25.54 4.49 34.45
CA THR D 186 26.94 4.35 34.85
C THR D 186 27.25 2.96 35.39
N SER D 187 28.46 2.47 35.16
CA SER D 187 28.86 1.12 35.60
C SER D 187 28.80 0.94 37.12
N ASN D 188 28.84 2.04 37.87
CA ASN D 188 28.73 1.97 39.34
C ASN D 188 27.34 1.63 39.90
N THR D 189 26.32 1.76 39.06
CA THR D 189 24.94 1.63 39.52
C THR D 189 24.56 0.15 39.51
N TRP D 190 24.48 -0.42 38.30
CA TRP D 190 24.07 -1.81 38.11
C TRP D 190 25.31 -2.71 38.22
N PRO D 191 25.20 -3.87 38.88
CA PRO D 191 23.95 -4.45 39.39
C PRO D 191 23.61 -4.17 40.87
N SER D 192 24.32 -3.25 41.52
CA SER D 192 24.00 -2.90 42.91
C SER D 192 22.60 -2.30 43.01
N GLN D 193 22.33 -1.29 42.19
CA GLN D 193 20.99 -0.73 42.07
C GLN D 193 20.17 -1.63 41.14
N THR D 194 19.04 -2.10 41.65
CA THR D 194 18.16 -2.99 40.89
C THR D 194 17.51 -2.26 39.69
N ILE D 195 17.45 -2.95 38.55
CA ILE D 195 16.83 -2.40 37.35
C ILE D 195 15.82 -3.41 36.79
N THR D 196 14.60 -2.93 36.54
CA THR D 196 13.47 -3.77 36.16
C THR D 196 12.68 -3.07 35.06
N CYS D 197 12.42 -3.77 33.95
CA CYS D 197 11.51 -3.25 32.92
C CYS D 197 10.10 -3.71 33.23
N ASN D 198 9.17 -2.75 33.24
CA ASN D 198 7.77 -3.03 33.52
C ASN D 198 6.98 -2.96 32.22
N VAL D 199 6.40 -4.08 31.81
CA VAL D 199 5.65 -4.17 30.57
C VAL D 199 4.19 -4.43 30.87
N ALA D 200 3.30 -3.71 30.19
CA ALA D 200 1.87 -3.87 30.36
C ALA D 200 1.18 -3.93 29.02
N HIS D 201 0.27 -4.89 28.87
CA HIS D 201 -0.47 -5.10 27.63
C HIS D 201 -1.97 -5.14 27.95
N PRO D 202 -2.65 -3.98 27.82
CA PRO D 202 -4.08 -3.83 28.18
C PRO D 202 -5.01 -4.88 27.57
N ALA D 203 -4.79 -5.22 26.30
CA ALA D 203 -5.69 -6.13 25.59
C ALA D 203 -5.75 -7.54 26.17
N SER D 204 -4.62 -8.02 26.69
CA SER D 204 -4.55 -9.36 27.31
C SER D 204 -4.63 -9.32 28.83
N SER D 205 -4.74 -8.12 29.40
CA SER D 205 -4.77 -7.93 30.86
C SER D 205 -3.56 -8.54 31.54
N THR D 206 -2.37 -8.26 30.99
CA THR D 206 -1.12 -8.75 31.54
C THR D 206 -0.19 -7.59 31.91
N LYS D 207 0.33 -7.64 33.13
CA LYS D 207 1.31 -6.67 33.61
C LYS D 207 2.50 -7.44 34.17
N VAL D 208 3.64 -7.34 33.51
CA VAL D 208 4.83 -8.12 33.87
C VAL D 208 5.98 -7.20 34.29
N ASP D 209 6.72 -7.64 35.31
CA ASP D 209 7.92 -6.97 35.78
C ASP D 209 9.09 -7.94 35.72
N LYS D 210 10.06 -7.67 34.86
CA LYS D 210 11.23 -8.54 34.72
C LYS D 210 12.50 -7.83 35.19
N LYS D 211 13.09 -8.34 36.27
CA LYS D 211 14.34 -7.81 36.81
C LYS D 211 15.49 -8.23 35.90
N ILE D 212 16.40 -7.29 35.64
CA ILE D 212 17.59 -7.57 34.82
C ILE D 212 18.70 -8.05 35.75
N GLU D 213 19.21 -9.25 35.52
CA GLU D 213 20.25 -9.82 36.36
C GLU D 213 21.43 -10.32 35.49
N PRO D 214 22.67 -10.23 36.03
CA PRO D 214 23.86 -10.61 35.26
C PRO D 214 23.83 -12.07 34.77
N ARG D 215 24.55 -12.34 33.68
CA ARG D 215 24.67 -13.70 33.16
C ARG D 215 25.73 -14.47 33.95
ZN ZN E . -37.53 -15.48 -26.65
O1 2PE F . -35.11 -11.55 -28.30
C2 2PE F . -35.04 -10.22 -27.81
C3 2PE F . -36.11 -10.00 -26.75
O4 2PE F . -35.77 -10.79 -25.62
C5 2PE F . -36.33 -10.25 -24.43
C6 2PE F . -36.25 -11.25 -23.28
O7 2PE F . -37.18 -12.30 -23.52
C8 2PE F . -36.70 -13.59 -23.14
C9 2PE F . -35.97 -14.19 -24.32
O10 2PE F . -35.34 -15.40 -23.92
C11 2PE F . -34.15 -15.71 -24.65
C12 2PE F . -34.33 -17.05 -25.34
O13 2PE F . -35.06 -16.89 -26.54
C14 2PE F . -35.08 -18.09 -27.32
C15 2PE F . -35.88 -17.88 -28.58
O16 2PE F . -37.26 -17.96 -28.24
C17 2PE F . -38.11 -18.06 -29.39
C18 2PE F . -39.35 -17.22 -29.17
O19 2PE F . -39.97 -17.59 -27.94
C20 2PE F . -40.71 -16.53 -27.35
C21 2PE F . -41.83 -17.09 -26.49
O22 2PE F . -42.80 -16.05 -26.30
C23 2PE F . -43.89 -16.43 -25.46
C24 2PE F . -45.20 -16.15 -26.18
O25 2PE F . -45.26 -16.94 -27.37
C26 2PE F . -46.59 -17.18 -27.84
C27 2PE F . -46.59 -17.22 -29.36
O28 2PE F . -46.48 -18.58 -29.81
O1 2PE G . -41.33 -10.85 -31.40
C2 2PE G . -41.17 -11.36 -30.07
C3 2PE G . -41.80 -10.39 -29.07
O4 2PE G . -40.90 -10.13 -27.99
C5 2PE G . -41.61 -9.66 -26.85
C6 2PE G . -40.70 -8.93 -25.87
O7 2PE G . -39.67 -8.22 -26.56
C8 2PE G . -39.66 -6.82 -26.29
C9 2PE G . -38.85 -6.13 -27.38
O10 2PE G . -39.69 -6.02 -28.52
C11 2PE G . -39.08 -5.40 -29.65
C12 2PE G . -40.22 -4.85 -30.48
O13 2PE G . -41.23 -5.83 -30.67
C14 2PE G . -42.40 -5.26 -31.26
C15 2PE G . -43.30 -6.37 -31.75
O16 2PE G . -42.70 -7.00 -32.88
C17 2PE G . -43.53 -8.03 -33.40
C18 2PE G . -42.86 -8.68 -34.59
O19 2PE G . -41.72 -9.39 -34.11
C20 2PE G . -41.16 -10.28 -35.08
C21 2PE G . -39.78 -10.74 -34.61
O22 2PE G . -38.79 -9.84 -35.09
C23 2PE G . -37.70 -9.66 -34.19
C24 2PE G . -36.54 -8.94 -34.88
O25 2PE G . -35.30 -9.42 -34.37
C26 2PE G . -34.16 -9.17 -35.18
C27 2PE G . -33.21 -10.37 -35.15
O28 2PE G . -33.32 -11.15 -36.35
ZN ZN H . -40.23 -8.27 -32.03
#